data_6NTS
#
_entry.id   6NTS
#
_cell.length_a   1.00
_cell.length_b   1.00
_cell.length_c   1.00
_cell.angle_alpha   90.00
_cell.angle_beta   90.00
_cell.angle_gamma   90.00
#
_symmetry.space_group_name_H-M   'P 1'
#
loop_
_entity.id
_entity.type
_entity.pdbx_description
1 polymer 'Serine/threonine-protein phosphatase 2A 65 kDa regulatory subunit A alpha isoform'
2 polymer 'Serine/threonine-protein phosphatase 2A 56 kDa regulatory subunit alpha isoform'
3 polymer 'Serine/threonine-protein phosphatase 2A catalytic subunit alpha isoform'
4 non-polymer N-[(1R,2R,3S)-2-hydroxy-3-(10H-phenoxazin-10-yl)cyclohexyl]-4-(trifluoromethoxy)benzene-1-sulfonamide
5 non-polymer 'MANGANESE (II) ION'
#
loop_
_entity_poly.entity_id
_entity_poly.type
_entity_poly.pdbx_seq_one_letter_code
_entity_poly.pdbx_strand_id
1 'polypeptide(L)'
;MAAADGDDSLYPIAVLIDELRNEDVQLRLNSIKKLSTIALALGVERTRSELLPFLTDTIYDEDEVLLALAEQLGTFTTLV
GGPEYVHCLLPPLESLATVEETVVRDKAVESLRAISHEHSPSDLEAHFVPLVKRLAGGDWFTSRTSACGLFSVCYPRVSS
AVKAELRQYFRNLCSDDTPMVRRAAASKLGEFAKVLELDNVKSEIIPMFSNLASDEQDSVRLLAVEACVNIAQLLPQEDL
EALVMPTLRQAAEDKSWRVRYMVADKFTELQKAVGPEITKTDLVPAFQNLMKDCEAEVRAAASHKVKEFCENLSADCREN
VIMSQILPCIKELVSDANQHVKSALASVIMGLSPILGKDNTIEHLLPLFLAQLKDECPEVRLNIISNLDCVNEVIGIRQL
SQSLLPAIVELAEDAKWRVRLAIIEYMPLLAGQLGVEFFDEKLNSLCMAWLVDHVYAIREAATSNLKKLVEKFGKEWAHA
TIIPKVLAMSGDPNYLHRMTTLFCINVLSEVCGQDITTKHMLPTVLRMAGDPVANVRFNVAKSLQKIGPILDNSTLQSEV
KPILEKLTQDQDVDVKYFAQEALTVLSLA
;
A
2 'polypeptide(L)'
;MSSSSPPAGAASAAISASEKVDGFTRKSVRKAQRQKRSQGSSQFRSQGSQAELHPLPQLKDATSNEQQELFCQKLQQCCI
LFDFMDSVSDLKSKEIKRATLNELVEYVSTNRGVIVESAYSDIVKMISANIFRTLPPSDNPDFDPEEDEPTLEASWPHIQ
LVYEFFLRFLESPDFQPSIAKRYIDQKFVQQLLELFDSEDPRERDFLKTVLHRIYGKFLGLRAFIRKQINNIFLRFIYET
EHFNGVAELLEILGSIINGFALPLKAEHKQFLMKVLIPMHTAKGLALFHAQLAYCVVQFLEKDTTLTEPVIRGLLKFWPK
TCSQKEVMFLGEIEEILDVIEPTQFKKIEEPLFKQISKCVSSSHFQVAERALYFWNNEYILSLIEENIDKILPIMFASLY
KISKEHWNPTIVALVYNVLKTLMEMNGKLFDDLTSSYKAERQREKKKELEREELWKKLEELKLKKALEKQNSAYNMHSIL
SNTSAE
;
B
3 'polypeptide(L)'
;MDEKVFTKELDQWIEQLNECKQLSESQVKSLCEKAKEILTKESNVQEVRCPVTVCGDVHGQFHDLMELFRIGGKSPDTNY
LFMGDYVNRGYYSVETVTLLVALKVRYRERITILRGNHESRQITQVYGFYDECLRKYGNANVWKYFTDLFDYLPLTALVD
GQIFCLHGGLSPSIDTLDHIRALDRLQEVPHEGPMCDLLWSDPDDRGGWGISPRGAGYTFGQDISETFNHANGLTLVSRA
HQLVMEGYNWCHDRNVVTIFSAPNYCYRCGNQAAIMELDDTLKYSFLQFDPAPRRGEPHVTYF(MLL)
;
C
#
loop_
_chem_comp.id
_chem_comp.type
_chem_comp.name
_chem_comp.formula
L2J non-polymer N-[(1R,2R,3S)-2-hydroxy-3-(10H-phenoxazin-10-yl)cyclohexyl]-4-(trifluoromethoxy)benzene-1-sulfonamide 'C25 H23 F3 N2 O5 S'
MN non-polymer 'MANGANESE (II) ION' 'Mn 2'
#
# COMPACT_ATOMS: atom_id res chain seq x y z
N ASP A 7 -32.31 27.47 -28.24
CA ASP A 7 -31.91 26.06 -27.96
C ASP A 7 -32.40 25.63 -26.58
N ASP A 8 -33.05 24.46 -26.52
CA ASP A 8 -33.55 23.96 -25.25
C ASP A 8 -32.43 23.70 -24.26
N SER A 9 -31.24 23.38 -24.76
CA SER A 9 -30.08 23.12 -23.92
C SER A 9 -29.15 24.34 -23.94
N LEU A 10 -27.88 24.14 -23.62
CA LEU A 10 -26.92 25.24 -23.65
C LEU A 10 -26.67 25.66 -25.09
N TYR A 11 -26.67 26.98 -25.32
CA TYR A 11 -26.60 27.52 -26.66
C TYR A 11 -25.35 27.01 -27.39
N PRO A 12 -25.36 27.01 -28.73
CA PRO A 12 -24.19 26.53 -29.47
C PRO A 12 -22.98 27.45 -29.33
N ILE A 13 -23.19 28.75 -29.58
CA ILE A 13 -22.09 29.69 -29.50
C ILE A 13 -21.49 29.71 -28.11
N ALA A 14 -22.31 29.50 -27.08
CA ALA A 14 -21.80 29.48 -25.72
C ALA A 14 -20.82 28.33 -25.51
N VAL A 15 -21.26 27.11 -25.85
CA VAL A 15 -20.37 25.95 -25.73
C VAL A 15 -19.18 26.07 -26.68
N LEU A 16 -19.28 26.91 -27.70
CA LEU A 16 -18.20 27.02 -28.68
C LEU A 16 -17.05 27.90 -28.16
N ILE A 17 -17.37 29.11 -27.71
CA ILE A 17 -16.36 30.10 -27.33
C ILE A 17 -16.53 30.58 -25.90
N ASP A 18 -17.76 30.80 -25.45
CA ASP A 18 -17.97 31.41 -24.15
C ASP A 18 -17.79 30.41 -23.01
N GLU A 19 -18.23 29.17 -23.21
CA GLU A 19 -18.23 28.15 -22.16
C GLU A 19 -17.02 27.24 -22.25
N LEU A 20 -16.00 27.62 -23.01
CA LEU A 20 -14.75 26.86 -23.12
C LEU A 20 -13.56 27.72 -22.74
N ARG A 21 -13.71 28.52 -21.68
CA ARG A 21 -12.61 29.34 -21.17
C ARG A 21 -11.60 28.42 -20.48
N ASN A 22 -10.48 28.16 -21.15
CA ASN A 22 -9.51 27.14 -20.72
C ASN A 22 -8.70 27.56 -19.50
N GLU A 23 -9.00 28.63 -18.77
CA GLU A 23 -8.21 28.98 -17.60
C GLU A 23 -8.61 28.15 -16.38
N ASP A 24 -9.88 27.78 -16.28
CA ASP A 24 -10.36 26.96 -15.17
C ASP A 24 -10.35 25.49 -15.57
N VAL A 25 -9.72 24.65 -14.74
CA VAL A 25 -9.58 23.25 -15.09
C VAL A 25 -10.82 22.46 -14.69
N GLN A 26 -11.38 22.73 -13.51
CA GLN A 26 -12.54 21.98 -13.05
C GLN A 26 -13.77 22.26 -13.91
N LEU A 27 -14.02 23.54 -14.21
CA LEU A 27 -15.18 23.89 -15.04
C LEU A 27 -15.06 23.28 -16.43
N ARG A 28 -13.86 23.32 -17.02
CA ARG A 28 -13.68 22.75 -18.34
C ARG A 28 -13.78 21.23 -18.31
N LEU A 29 -13.33 20.60 -17.22
CA LEU A 29 -13.50 19.15 -17.08
C LEU A 29 -14.98 18.78 -17.03
N ASN A 30 -15.75 19.51 -16.21
CA ASN A 30 -17.19 19.26 -16.16
C ASN A 30 -17.84 19.51 -17.51
N SER A 31 -17.37 20.53 -18.23
CA SER A 31 -17.92 20.83 -19.55
C SER A 31 -17.65 19.70 -20.53
N ILE A 32 -16.41 19.20 -20.59
CA ILE A 32 -16.10 18.10 -21.49
C ILE A 32 -16.85 16.84 -21.06
N LYS A 33 -17.16 16.72 -19.77
CA LYS A 33 -17.89 15.54 -19.31
C LYS A 33 -19.36 15.59 -19.75
N LYS A 34 -20.01 16.74 -19.58
CA LYS A 34 -21.42 16.89 -19.90
C LYS A 34 -21.65 17.35 -21.34
N LEU A 35 -20.60 17.44 -22.15
CA LEU A 35 -20.74 17.84 -23.55
C LEU A 35 -21.68 16.95 -24.34
N SER A 36 -21.99 15.75 -23.84
CA SER A 36 -22.86 14.85 -24.58
C SER A 36 -24.28 15.42 -24.71
N THR A 37 -24.77 16.05 -23.64
CA THR A 37 -26.12 16.60 -23.68
C THR A 37 -26.26 17.69 -24.74
N ILE A 38 -25.18 18.42 -25.01
CA ILE A 38 -25.21 19.46 -26.04
C ILE A 38 -24.90 18.88 -27.41
N ALA A 39 -24.08 17.82 -27.48
CA ALA A 39 -23.74 17.23 -28.77
C ALA A 39 -24.93 16.50 -29.37
N LEU A 40 -25.72 15.82 -28.52
CA LEU A 40 -26.89 15.12 -29.04
C LEU A 40 -27.96 16.08 -29.56
N ALA A 41 -27.92 17.34 -29.14
CA ALA A 41 -28.89 18.33 -29.59
C ALA A 41 -28.37 19.23 -30.70
N LEU A 42 -27.05 19.40 -30.81
CA LEU A 42 -26.50 20.25 -31.85
C LEU A 42 -26.72 19.70 -33.25
N GLY A 43 -27.06 18.41 -33.37
CA GLY A 43 -27.24 17.79 -34.67
C GLY A 43 -26.01 17.04 -35.12
N VAL A 44 -26.20 15.82 -35.63
CA VAL A 44 -25.06 15.00 -36.02
C VAL A 44 -24.26 15.67 -37.13
N GLU A 45 -24.95 16.31 -38.08
CA GLU A 45 -24.27 16.92 -39.21
C GLU A 45 -23.39 18.07 -38.75
N ARG A 46 -23.98 19.10 -38.15
CA ARG A 46 -23.20 20.23 -37.66
C ARG A 46 -22.15 19.77 -36.65
N THR A 47 -22.49 18.75 -35.85
CA THR A 47 -21.52 18.21 -34.89
C THR A 47 -20.27 17.72 -35.62
N ARG A 48 -20.42 16.68 -36.44
CA ARG A 48 -19.27 16.14 -37.14
C ARG A 48 -18.61 17.16 -38.05
N SER A 49 -19.31 18.25 -38.38
CA SER A 49 -18.72 19.25 -39.27
C SER A 49 -17.83 20.23 -38.52
N GLU A 50 -18.25 20.68 -37.34
CA GLU A 50 -17.56 21.78 -36.65
C GLU A 50 -17.00 21.41 -35.30
N LEU A 51 -17.69 20.57 -34.52
CA LEU A 51 -17.28 20.34 -33.14
C LEU A 51 -15.97 19.57 -33.07
N LEU A 52 -15.79 18.56 -33.92
CA LEU A 52 -14.60 17.72 -33.80
C LEU A 52 -13.33 18.49 -34.13
N PRO A 53 -13.21 19.20 -35.25
CA PRO A 53 -11.98 19.96 -35.49
C PRO A 53 -11.76 21.06 -34.46
N PHE A 54 -12.82 21.73 -34.03
CA PHE A 54 -12.68 22.78 -33.02
C PHE A 54 -12.15 22.20 -31.72
N LEU A 55 -12.72 21.08 -31.27
CA LEU A 55 -12.25 20.46 -30.03
C LEU A 55 -10.83 19.92 -30.19
N THR A 56 -10.46 19.47 -31.39
CA THR A 56 -9.11 18.96 -31.60
C THR A 56 -8.08 20.08 -31.61
N ASP A 57 -8.45 21.25 -32.12
CA ASP A 57 -7.51 22.36 -32.22
C ASP A 57 -7.42 23.18 -30.94
N THR A 58 -8.53 23.32 -30.20
CA THR A 58 -8.52 24.15 -29.01
C THR A 58 -7.84 23.47 -27.83
N ILE A 59 -8.08 22.17 -27.64
CA ILE A 59 -7.49 21.46 -26.51
C ILE A 59 -5.97 21.51 -26.62
N TYR A 60 -5.32 21.93 -25.53
CA TYR A 60 -3.87 22.08 -25.51
C TYR A 60 -3.21 20.81 -24.97
N ASP A 61 -3.03 20.75 -23.65
CA ASP A 61 -2.37 19.60 -23.03
C ASP A 61 -2.60 19.56 -21.54
N GLU A 62 -3.74 19.01 -21.10
CA GLU A 62 -4.04 18.82 -19.69
C GLU A 62 -4.65 17.44 -19.51
N ASP A 63 -4.10 16.66 -18.58
CA ASP A 63 -4.49 15.26 -18.44
C ASP A 63 -5.98 15.10 -18.23
N GLU A 64 -6.59 15.93 -17.39
CA GLU A 64 -7.99 15.76 -17.05
C GLU A 64 -8.87 15.91 -18.29
N VAL A 65 -8.85 17.08 -18.93
CA VAL A 65 -9.67 17.30 -20.11
C VAL A 65 -9.27 16.36 -21.23
N LEU A 66 -8.00 15.97 -21.29
CA LEU A 66 -7.56 15.03 -22.33
C LEU A 66 -8.26 13.69 -22.18
N LEU A 67 -8.22 13.12 -20.97
CA LEU A 67 -8.91 11.86 -20.73
C LEU A 67 -10.41 12.00 -20.92
N ALA A 68 -10.96 13.15 -20.51
CA ALA A 68 -12.40 13.37 -20.70
C ALA A 68 -12.77 13.33 -22.17
N LEU A 69 -12.03 14.05 -23.00
CA LEU A 69 -12.29 14.04 -24.44
C LEU A 69 -12.07 12.66 -25.03
N ALA A 70 -11.05 11.94 -24.56
CA ALA A 70 -10.79 10.60 -25.05
C ALA A 70 -12.00 9.68 -24.80
N GLU A 71 -12.46 9.63 -23.55
CA GLU A 71 -13.58 8.76 -23.23
C GLU A 71 -14.86 9.22 -23.91
N GLN A 72 -15.04 10.54 -24.08
CA GLN A 72 -16.24 11.03 -24.77
C GLN A 72 -16.23 10.59 -26.22
N LEU A 73 -15.11 10.77 -26.92
CA LEU A 73 -15.01 10.31 -28.30
C LEU A 73 -15.20 8.80 -28.38
N GLY A 74 -14.69 8.06 -27.39
CA GLY A 74 -14.93 6.63 -27.36
C GLY A 74 -16.39 6.28 -27.20
N THR A 75 -17.14 7.11 -26.48
CA THR A 75 -18.57 6.90 -26.29
C THR A 75 -19.42 7.55 -27.37
N PHE A 76 -18.85 8.47 -28.16
CA PHE A 76 -19.59 9.15 -29.21
C PHE A 76 -19.68 8.34 -30.50
N THR A 77 -19.37 7.05 -30.46
CA THR A 77 -19.46 6.22 -31.66
C THR A 77 -20.88 6.18 -32.21
N THR A 78 -21.89 6.45 -31.38
CA THR A 78 -23.29 6.43 -31.81
C THR A 78 -23.84 7.81 -32.14
N LEU A 79 -23.35 8.85 -31.46
CA LEU A 79 -23.84 10.21 -31.69
C LEU A 79 -23.31 10.82 -32.98
N VAL A 80 -22.31 10.21 -33.61
CA VAL A 80 -21.77 10.74 -34.86
C VAL A 80 -22.83 10.73 -35.96
N GLY A 81 -23.83 9.86 -35.85
CA GLY A 81 -24.95 9.85 -36.78
C GLY A 81 -24.77 8.98 -37.99
N GLY A 82 -23.55 8.53 -38.30
CA GLY A 82 -23.32 7.72 -39.46
C GLY A 82 -22.14 6.78 -39.27
N PRO A 83 -22.33 5.48 -39.53
CA PRO A 83 -21.18 4.56 -39.47
C PRO A 83 -20.07 4.89 -40.45
N GLU A 84 -20.38 5.61 -41.53
CA GLU A 84 -19.37 5.98 -42.51
C GLU A 84 -18.61 7.24 -42.12
N TYR A 85 -19.19 8.10 -41.30
CA TYR A 85 -18.54 9.33 -40.87
C TYR A 85 -17.66 9.14 -39.65
N VAL A 86 -17.58 7.91 -39.11
CA VAL A 86 -16.77 7.66 -37.93
C VAL A 86 -15.31 8.03 -38.16
N HIS A 87 -14.88 8.11 -39.42
CA HIS A 87 -13.50 8.50 -39.70
C HIS A 87 -13.19 9.88 -39.14
N CYS A 88 -14.19 10.73 -39.00
CA CYS A 88 -13.97 12.05 -38.44
C CYS A 88 -13.49 11.99 -36.99
N LEU A 89 -13.73 10.88 -36.30
CA LEU A 89 -13.31 10.70 -34.92
C LEU A 89 -11.94 10.06 -34.80
N LEU A 90 -11.22 9.89 -35.91
CA LEU A 90 -9.92 9.23 -35.88
C LEU A 90 -8.78 10.23 -35.71
N PRO A 91 -8.79 11.38 -36.38
CA PRO A 91 -7.69 12.35 -36.20
C PRO A 91 -7.56 12.80 -34.76
N PRO A 92 -8.68 13.11 -34.08
CA PRO A 92 -8.56 13.51 -32.67
C PRO A 92 -7.94 12.43 -31.78
N LEU A 93 -8.42 11.20 -31.89
CA LEU A 93 -7.86 10.12 -31.09
C LEU A 93 -6.40 9.87 -31.43
N GLU A 94 -6.04 10.01 -32.70
CA GLU A 94 -4.64 9.85 -33.10
C GLU A 94 -3.77 10.92 -32.46
N SER A 95 -4.20 12.18 -32.53
CA SER A 95 -3.45 13.26 -31.91
C SER A 95 -3.37 13.08 -30.40
N LEU A 96 -4.40 12.50 -29.79
CA LEU A 96 -4.38 12.28 -28.36
C LEU A 96 -3.46 11.12 -27.98
N ALA A 97 -3.29 10.14 -28.88
CA ALA A 97 -2.44 9.00 -28.58
C ALA A 97 -0.96 9.34 -28.64
N THR A 98 -0.59 10.44 -29.31
CA THR A 98 0.80 10.84 -29.41
C THR A 98 1.30 11.58 -28.17
N VAL A 99 0.43 11.81 -27.19
CA VAL A 99 0.86 12.48 -25.95
C VAL A 99 1.79 11.57 -25.17
N GLU A 100 2.61 12.20 -24.31
CA GLU A 100 3.61 11.44 -23.57
C GLU A 100 2.98 10.63 -22.44
N GLU A 101 1.91 11.13 -21.83
CA GLU A 101 1.28 10.42 -20.72
C GLU A 101 0.78 9.05 -21.20
N THR A 102 0.87 8.07 -20.30
CA THR A 102 0.53 6.70 -20.64
C THR A 102 -0.96 6.39 -20.44
N VAL A 103 -1.58 6.99 -19.41
CA VAL A 103 -2.97 6.67 -19.11
C VAL A 103 -3.89 7.17 -20.22
N VAL A 104 -3.73 8.43 -20.62
CA VAL A 104 -4.60 9.00 -21.64
C VAL A 104 -4.41 8.31 -22.98
N ARG A 105 -3.16 7.99 -23.34
CA ARG A 105 -2.92 7.32 -24.61
C ARG A 105 -3.44 5.89 -24.58
N ASP A 106 -3.35 5.21 -23.43
CA ASP A 106 -3.93 3.88 -23.32
C ASP A 106 -5.45 3.93 -23.47
N LYS A 107 -6.08 4.93 -22.84
CA LYS A 107 -7.53 5.07 -23.00
C LYS A 107 -7.90 5.38 -24.45
N ALA A 108 -7.09 6.20 -25.12
CA ALA A 108 -7.35 6.50 -26.53
C ALA A 108 -7.23 5.25 -27.39
N VAL A 109 -6.20 4.43 -27.15
CA VAL A 109 -6.05 3.19 -27.89
C VAL A 109 -7.21 2.25 -27.61
N GLU A 110 -7.68 2.23 -26.37
CA GLU A 110 -8.84 1.41 -26.02
C GLU A 110 -10.07 1.85 -26.81
N SER A 111 -10.34 3.16 -26.81
CA SER A 111 -11.48 3.67 -27.56
C SER A 111 -11.34 3.38 -29.04
N LEU A 112 -10.12 3.45 -29.57
CA LEU A 112 -9.88 3.18 -30.99
C LEU A 112 -10.19 1.73 -31.31
N ARG A 113 -9.62 0.79 -30.55
CA ARG A 113 -9.90 -0.62 -30.78
C ARG A 113 -11.39 -0.93 -30.58
N ALA A 114 -12.07 -0.17 -29.73
CA ALA A 114 -13.49 -0.40 -29.52
C ALA A 114 -14.31 0.07 -30.71
N ILE A 115 -14.01 1.25 -31.25
CA ILE A 115 -14.77 1.76 -32.38
C ILE A 115 -14.35 1.12 -33.70
N SER A 116 -13.18 0.46 -33.73
CA SER A 116 -12.73 -0.19 -34.97
C SER A 116 -13.71 -1.25 -35.43
N HIS A 117 -14.43 -1.88 -34.50
CA HIS A 117 -15.41 -2.90 -34.87
C HIS A 117 -16.59 -2.31 -35.64
N GLU A 118 -16.81 -1.00 -35.55
CA GLU A 118 -17.92 -0.37 -36.24
C GLU A 118 -17.52 0.22 -37.59
N HIS A 119 -16.23 0.51 -37.79
CA HIS A 119 -15.78 1.06 -39.05
C HIS A 119 -16.10 0.11 -40.20
N SER A 120 -16.62 0.65 -41.29
CA SER A 120 -16.95 -0.15 -42.45
C SER A 120 -15.70 -0.60 -43.18
N PRO A 121 -15.79 -1.64 -44.01
CA PRO A 121 -14.60 -2.10 -44.73
C PRO A 121 -13.92 -1.00 -45.53
N SER A 122 -14.69 -0.23 -46.31
CA SER A 122 -14.10 0.86 -47.08
C SER A 122 -13.50 1.91 -46.16
N ASP A 123 -14.29 2.41 -45.21
CA ASP A 123 -13.79 3.41 -44.26
C ASP A 123 -12.57 2.86 -43.51
N LEU A 124 -12.62 1.59 -43.12
CA LEU A 124 -11.49 0.96 -42.44
C LEU A 124 -10.24 1.05 -43.31
N GLU A 125 -10.26 0.34 -44.44
CA GLU A 125 -9.09 0.32 -45.32
C GLU A 125 -8.65 1.71 -45.75
N ALA A 126 -9.53 2.71 -45.65
CA ALA A 126 -9.18 4.05 -46.10
C ALA A 126 -8.53 4.90 -45.00
N HIS A 127 -8.92 4.71 -43.74
CA HIS A 127 -8.45 5.58 -42.67
C HIS A 127 -7.69 4.86 -41.57
N PHE A 128 -8.13 3.67 -41.15
CA PHE A 128 -7.49 2.99 -40.04
C PHE A 128 -6.09 2.53 -40.40
N VAL A 129 -5.92 1.99 -41.61
CA VAL A 129 -4.59 1.53 -42.04
C VAL A 129 -3.60 2.69 -42.08
N PRO A 130 -3.86 3.80 -42.79
CA PRO A 130 -2.92 4.93 -42.73
C PRO A 130 -2.74 5.47 -41.32
N LEU A 131 -3.77 5.41 -40.48
CA LEU A 131 -3.63 5.88 -39.10
C LEU A 131 -2.56 5.09 -38.37
N VAL A 132 -2.64 3.75 -38.42
CA VAL A 132 -1.66 2.93 -37.74
C VAL A 132 -0.29 3.07 -38.40
N LYS A 133 -0.25 3.23 -39.72
CA LYS A 133 1.03 3.41 -40.40
C LYS A 133 1.71 4.70 -39.96
N ARG A 134 0.91 5.75 -39.73
CA ARG A 134 1.45 7.02 -39.28
C ARG A 134 1.84 6.99 -37.81
N LEU A 135 1.09 6.25 -36.99
CA LEU A 135 1.41 6.17 -35.58
C LEU A 135 2.66 5.33 -35.34
N ALA A 136 2.83 4.26 -36.12
CA ALA A 136 4.01 3.41 -35.95
C ALA A 136 5.28 4.11 -36.43
N GLY A 137 5.16 5.00 -37.41
CA GLY A 137 6.28 5.73 -37.95
C GLY A 137 6.64 7.00 -37.22
N GLY A 138 6.04 7.24 -36.05
CA GLY A 138 6.34 8.46 -35.32
C GLY A 138 7.76 8.45 -34.78
N ASP A 139 8.31 9.66 -34.63
CA ASP A 139 9.67 9.80 -34.12
C ASP A 139 9.76 9.44 -32.64
N TRP A 140 8.80 9.90 -31.85
CA TRP A 140 8.82 9.64 -30.42
C TRP A 140 8.36 8.20 -30.14
N PHE A 141 8.66 7.75 -28.93
CA PHE A 141 8.36 6.37 -28.54
C PHE A 141 6.91 6.19 -28.12
N THR A 142 6.23 7.25 -27.68
CA THR A 142 4.85 7.10 -27.25
C THR A 142 3.94 6.68 -28.40
N SER A 143 4.13 7.28 -29.58
CA SER A 143 3.32 6.91 -30.73
C SER A 143 3.61 5.47 -31.16
N ARG A 144 4.88 5.05 -31.10
CA ARG A 144 5.22 3.69 -31.46
C ARG A 144 4.63 2.69 -30.47
N THR A 145 4.56 3.05 -29.19
CA THR A 145 3.97 2.14 -28.21
C THR A 145 2.45 2.10 -28.35
N SER A 146 1.83 3.21 -28.73
CA SER A 146 0.39 3.24 -28.92
C SER A 146 -0.03 2.62 -30.25
N ALA A 147 0.87 2.53 -31.23
CA ALA A 147 0.50 1.96 -32.53
C ALA A 147 0.38 0.44 -32.47
N CYS A 148 1.20 -0.21 -31.64
CA CYS A 148 1.19 -1.66 -31.59
C CYS A 148 -0.07 -2.22 -30.94
N GLY A 149 -0.95 -1.36 -30.43
CA GLY A 149 -2.19 -1.80 -29.83
C GLY A 149 -3.37 -1.90 -30.77
N LEU A 150 -3.20 -1.54 -32.04
CA LEU A 150 -4.28 -1.59 -33.02
C LEU A 150 -4.05 -2.62 -34.11
N PHE A 151 -2.97 -3.39 -34.04
CA PHE A 151 -2.70 -4.40 -35.06
C PHE A 151 -3.57 -5.64 -34.89
N SER A 152 -3.98 -5.93 -33.65
CA SER A 152 -4.77 -7.14 -33.41
C SER A 152 -6.17 -7.03 -34.01
N VAL A 153 -6.72 -5.83 -34.07
CA VAL A 153 -8.08 -5.65 -34.58
C VAL A 153 -8.12 -5.29 -36.07
N CYS A 154 -7.05 -4.70 -36.60
CA CYS A 154 -7.01 -4.28 -38.00
C CYS A 154 -6.47 -5.36 -38.93
N TYR A 155 -5.83 -6.41 -38.40
CA TYR A 155 -5.24 -7.42 -39.26
C TYR A 155 -6.28 -8.35 -39.87
N PRO A 156 -7.25 -8.89 -39.12
CA PRO A 156 -8.12 -9.92 -39.69
C PRO A 156 -9.19 -9.38 -40.64
N ARG A 157 -9.85 -8.29 -40.25
CA ARG A 157 -10.98 -7.77 -41.00
C ARG A 157 -10.59 -6.76 -42.06
N VAL A 158 -9.45 -6.96 -42.74
CA VAL A 158 -9.03 -6.08 -43.82
C VAL A 158 -8.82 -6.93 -45.07
N SER A 159 -8.46 -6.28 -46.18
CA SER A 159 -8.23 -6.99 -47.43
C SER A 159 -7.10 -8.01 -47.26
N SER A 160 -7.13 -9.04 -48.12
CA SER A 160 -6.13 -10.08 -48.06
C SER A 160 -4.76 -9.60 -48.55
N ALA A 161 -4.72 -8.47 -49.26
CA ALA A 161 -3.46 -7.96 -49.79
C ALA A 161 -2.79 -6.96 -48.85
N VAL A 162 -3.57 -6.24 -48.04
CA VAL A 162 -2.98 -5.25 -47.15
C VAL A 162 -2.43 -5.91 -45.88
N LYS A 163 -3.04 -7.00 -45.43
CA LYS A 163 -2.55 -7.66 -44.23
C LYS A 163 -1.11 -8.13 -44.39
N ALA A 164 -0.71 -8.52 -45.62
CA ALA A 164 0.67 -8.89 -45.85
C ALA A 164 1.62 -7.74 -45.53
N GLU A 165 1.17 -6.50 -45.74
CA GLU A 165 1.99 -5.35 -45.38
C GLU A 165 1.86 -5.00 -43.90
N LEU A 166 0.69 -5.26 -43.30
CA LEU A 166 0.54 -5.03 -41.87
C LEU A 166 1.47 -5.94 -41.07
N ARG A 167 1.69 -7.16 -41.56
CA ARG A 167 2.62 -8.06 -40.89
C ARG A 167 4.02 -7.47 -40.87
N GLN A 168 4.49 -6.96 -42.01
CA GLN A 168 5.82 -6.37 -42.07
C GLN A 168 5.89 -5.10 -41.23
N TYR A 169 4.82 -4.32 -41.21
CA TYR A 169 4.80 -3.12 -40.37
C TYR A 169 4.92 -3.48 -38.90
N PHE A 170 4.19 -4.51 -38.45
CA PHE A 170 4.29 -4.95 -37.07
C PHE A 170 5.69 -5.49 -36.77
N ARG A 171 6.27 -6.22 -37.72
CA ARG A 171 7.63 -6.73 -37.54
C ARG A 171 8.62 -5.58 -37.35
N ASN A 172 8.50 -4.55 -38.19
CA ASN A 172 9.39 -3.39 -38.07
C ASN A 172 9.17 -2.67 -36.75
N LEU A 173 7.91 -2.55 -36.33
CA LEU A 173 7.63 -1.87 -35.07
C LEU A 173 8.20 -2.65 -33.89
N CYS A 174 8.17 -3.98 -33.95
CA CYS A 174 8.72 -4.78 -32.87
C CYS A 174 10.24 -4.66 -32.82
N SER A 175 10.89 -4.39 -33.94
CA SER A 175 12.34 -4.25 -34.02
C SER A 175 12.79 -2.82 -33.74
N ASP A 176 12.21 -2.17 -32.73
CA ASP A 176 12.59 -0.80 -32.40
C ASP A 176 13.90 -0.77 -31.63
N ASP A 177 14.50 0.41 -31.58
CA ASP A 177 15.77 0.62 -30.89
C ASP A 177 15.58 1.11 -29.45
N THR A 178 14.35 1.13 -28.96
CA THR A 178 14.06 1.54 -27.59
C THR A 178 13.41 0.40 -26.82
N PRO A 179 13.59 0.34 -25.50
CA PRO A 179 13.04 -0.78 -24.73
C PRO A 179 11.54 -0.69 -24.49
N MET A 180 10.95 0.51 -24.51
CA MET A 180 9.52 0.63 -24.27
C MET A 180 8.72 -0.04 -25.38
N VAL A 181 9.08 0.25 -26.64
CA VAL A 181 8.36 -0.36 -27.76
C VAL A 181 8.55 -1.86 -27.76
N ARG A 182 9.76 -2.33 -27.42
CA ARG A 182 10.00 -3.77 -27.37
C ARG A 182 9.17 -4.42 -26.28
N ARG A 183 9.07 -3.79 -25.11
CA ARG A 183 8.24 -4.34 -24.04
C ARG A 183 6.78 -4.38 -24.45
N ALA A 184 6.28 -3.31 -25.08
CA ALA A 184 4.89 -3.29 -25.51
C ALA A 184 4.62 -4.38 -26.54
N ALA A 185 5.55 -4.57 -27.49
CA ALA A 185 5.38 -5.62 -28.49
C ALA A 185 5.40 -7.00 -27.84
N ALA A 186 6.33 -7.23 -26.91
CA ALA A 186 6.37 -8.52 -26.24
C ALA A 186 5.10 -8.76 -25.43
N SER A 187 4.49 -7.70 -24.90
CA SER A 187 3.28 -7.86 -24.10
C SER A 187 2.05 -8.13 -24.97
N LYS A 188 1.95 -7.46 -26.12
CA LYS A 188 0.76 -7.56 -26.96
C LYS A 188 0.91 -8.59 -28.08
N LEU A 189 2.06 -9.26 -28.18
CA LEU A 189 2.19 -10.33 -29.17
C LEU A 189 1.24 -11.48 -28.88
N GLY A 190 0.96 -11.75 -27.60
CA GLY A 190 0.00 -12.78 -27.27
C GLY A 190 -1.38 -12.48 -27.81
N GLU A 191 -1.76 -11.21 -27.86
CA GLU A 191 -3.04 -10.82 -28.44
C GLU A 191 -2.97 -10.76 -29.97
N PHE A 192 -1.82 -10.38 -30.52
CA PHE A 192 -1.66 -10.32 -31.97
C PHE A 192 -1.26 -11.66 -32.59
N ALA A 193 -0.83 -12.63 -31.78
CA ALA A 193 -0.39 -13.90 -32.31
C ALA A 193 -1.51 -14.66 -33.02
N LYS A 194 -2.77 -14.31 -32.74
CA LYS A 194 -3.91 -14.99 -33.36
C LYS A 194 -4.05 -14.49 -34.78
N VAL A 195 -3.41 -15.20 -35.71
CA VAL A 195 -3.43 -14.85 -37.14
C VAL A 195 -3.96 -15.96 -38.01
N LEU A 196 -4.34 -17.10 -37.43
CA LEU A 196 -4.94 -18.21 -38.19
C LEU A 196 -3.93 -18.88 -39.11
N GLU A 197 -3.29 -18.11 -39.99
CA GLU A 197 -2.39 -18.69 -40.98
C GLU A 197 -1.18 -19.31 -40.30
N LEU A 198 -1.29 -20.60 -39.96
CA LEU A 198 -0.19 -21.28 -39.27
C LEU A 198 1.05 -21.36 -40.15
N ASP A 199 0.88 -21.43 -41.47
CA ASP A 199 2.03 -21.51 -42.35
C ASP A 199 2.90 -20.26 -42.23
N ASN A 200 2.30 -19.08 -42.40
CA ASN A 200 3.06 -17.85 -42.26
C ASN A 200 3.61 -17.69 -40.85
N VAL A 201 2.89 -18.20 -39.84
CA VAL A 201 3.38 -18.20 -38.47
C VAL A 201 4.71 -18.94 -38.44
N LYS A 202 4.66 -20.26 -38.65
CA LYS A 202 5.87 -21.06 -38.62
C LYS A 202 6.95 -20.52 -39.55
N SER A 203 6.58 -19.73 -40.56
CA SER A 203 7.57 -19.22 -41.50
C SER A 203 8.31 -18.00 -40.95
N GLU A 204 7.57 -17.02 -40.41
CA GLU A 204 8.14 -15.71 -40.12
C GLU A 204 8.04 -15.27 -38.67
N ILE A 205 7.15 -15.85 -37.86
CA ILE A 205 6.93 -15.36 -36.51
C ILE A 205 7.83 -16.04 -35.50
N ILE A 206 7.97 -17.36 -35.59
CA ILE A 206 8.73 -18.12 -34.59
C ILE A 206 10.18 -17.64 -34.53
N PRO A 207 10.80 -17.19 -35.63
CA PRO A 207 12.15 -16.63 -35.48
C PRO A 207 12.14 -15.32 -34.70
N MET A 208 11.13 -14.48 -34.94
CA MET A 208 10.99 -13.26 -34.16
C MET A 208 10.78 -13.57 -32.69
N PHE A 209 9.97 -14.59 -32.39
CA PHE A 209 9.75 -14.98 -31.00
C PHE A 209 11.04 -15.50 -30.36
N SER A 210 11.81 -16.29 -31.11
CA SER A 210 13.08 -16.79 -30.58
C SER A 210 14.04 -15.66 -30.30
N ASN A 211 14.11 -14.68 -31.21
CA ASN A 211 14.99 -13.53 -30.98
C ASN A 211 14.51 -12.67 -29.84
N LEU A 212 13.19 -12.61 -29.62
CA LEU A 212 12.65 -11.83 -28.52
C LEU A 212 12.95 -12.50 -27.18
N ALA A 213 12.85 -13.83 -27.12
CA ALA A 213 13.15 -14.55 -25.90
C ALA A 213 14.63 -14.45 -25.52
N SER A 214 15.50 -14.14 -26.47
CA SER A 214 16.92 -13.99 -26.22
C SER A 214 17.34 -12.53 -26.07
N ASP A 215 16.38 -11.63 -25.90
CA ASP A 215 16.70 -10.21 -25.76
C ASP A 215 17.52 -9.96 -24.50
N GLU A 216 18.29 -8.87 -24.53
CA GLU A 216 19.12 -8.53 -23.38
C GLU A 216 18.26 -8.09 -22.19
N GLN A 217 17.11 -7.48 -22.44
CA GLN A 217 16.25 -7.02 -21.36
C GLN A 217 15.47 -8.18 -20.76
N ASP A 218 15.39 -8.22 -19.44
CA ASP A 218 14.69 -9.30 -18.75
C ASP A 218 13.18 -9.14 -18.83
N SER A 219 12.68 -7.90 -18.85
CA SER A 219 11.25 -7.69 -18.99
C SER A 219 10.73 -8.26 -20.29
N VAL A 220 11.47 -8.06 -21.39
CA VAL A 220 11.06 -8.61 -22.67
C VAL A 220 11.03 -10.12 -22.61
N ARG A 221 12.03 -10.73 -21.95
CA ARG A 221 12.08 -12.19 -21.86
C ARG A 221 10.90 -12.74 -21.07
N LEU A 222 10.60 -12.12 -19.92
CA LEU A 222 9.50 -12.63 -19.11
C LEU A 222 8.17 -12.42 -19.82
N LEU A 223 8.01 -11.30 -20.53
CA LEU A 223 6.78 -11.09 -21.29
C LEU A 223 6.66 -12.11 -22.42
N ALA A 224 7.77 -12.45 -23.06
CA ALA A 224 7.74 -13.43 -24.14
C ALA A 224 7.35 -14.81 -23.60
N VAL A 225 7.98 -15.24 -22.51
CA VAL A 225 7.64 -16.56 -21.96
C VAL A 225 6.25 -16.55 -21.35
N GLU A 226 5.70 -15.39 -21.02
CA GLU A 226 4.31 -15.31 -20.59
C GLU A 226 3.37 -15.49 -21.78
N ALA A 227 3.57 -14.71 -22.83
CA ALA A 227 2.74 -14.82 -24.03
C ALA A 227 2.91 -16.14 -24.76
N CYS A 228 3.97 -16.91 -24.44
CA CYS A 228 4.18 -18.20 -25.10
C CYS A 228 2.95 -19.09 -24.99
N VAL A 229 2.11 -18.89 -23.97
CA VAL A 229 0.92 -19.73 -23.83
C VAL A 229 -0.05 -19.48 -24.97
N ASN A 230 -0.15 -18.22 -25.43
CA ASN A 230 -1.06 -17.91 -26.53
C ASN A 230 -0.63 -18.59 -27.82
N ILE A 231 0.66 -18.87 -27.98
CA ILE A 231 1.15 -19.56 -29.17
C ILE A 231 1.07 -21.07 -28.99
N ALA A 232 1.28 -21.56 -27.77
CA ALA A 232 1.21 -22.99 -27.51
C ALA A 232 -0.22 -23.51 -27.53
N GLN A 233 -1.21 -22.64 -27.37
CA GLN A 233 -2.61 -23.08 -27.38
C GLN A 233 -3.02 -23.65 -28.72
N LEU A 234 -2.24 -23.44 -29.78
CA LEU A 234 -2.51 -24.07 -31.07
C LEU A 234 -2.31 -25.58 -31.03
N LEU A 235 -1.65 -26.09 -30.00
CA LEU A 235 -1.37 -27.52 -29.85
C LEU A 235 -0.61 -28.06 -31.06
N PRO A 236 0.55 -27.49 -31.41
CA PRO A 236 1.40 -28.09 -32.45
C PRO A 236 2.35 -29.14 -31.86
N GLN A 237 1.78 -30.16 -31.23
CA GLN A 237 2.58 -31.16 -30.54
C GLN A 237 3.60 -31.79 -31.48
N GLU A 238 3.24 -31.99 -32.74
CA GLU A 238 4.15 -32.59 -33.70
C GLU A 238 5.34 -31.68 -34.03
N ASP A 239 5.31 -30.42 -33.61
CA ASP A 239 6.40 -29.49 -33.88
C ASP A 239 6.93 -28.78 -32.66
N LEU A 240 6.24 -28.85 -31.51
CA LEU A 240 6.71 -28.16 -30.31
C LEU A 240 8.10 -28.62 -29.90
N GLU A 241 8.43 -29.90 -30.14
CA GLU A 241 9.73 -30.42 -29.75
C GLU A 241 10.88 -29.74 -30.47
N ALA A 242 10.61 -28.96 -31.52
CA ALA A 242 11.66 -28.27 -32.27
C ALA A 242 11.42 -26.78 -32.45
N LEU A 243 10.19 -26.30 -32.28
CA LEU A 243 9.88 -24.88 -32.47
C LEU A 243 9.93 -24.08 -31.17
N VAL A 244 9.19 -24.52 -30.15
CA VAL A 244 9.09 -23.78 -28.90
C VAL A 244 9.82 -24.47 -27.76
N MET A 245 9.98 -25.79 -27.79
CA MET A 245 10.65 -26.49 -26.69
C MET A 245 12.04 -25.94 -26.40
N PRO A 246 12.91 -25.73 -27.39
CA PRO A 246 14.23 -25.16 -27.07
C PRO A 246 14.15 -23.78 -26.45
N THR A 247 13.16 -22.97 -26.83
CA THR A 247 13.01 -21.65 -26.21
C THR A 247 12.68 -21.79 -24.73
N LEU A 248 11.70 -22.62 -24.40
CA LEU A 248 11.37 -22.84 -23.00
C LEU A 248 12.55 -23.43 -22.23
N ARG A 249 13.32 -24.29 -22.89
CA ARG A 249 14.49 -24.88 -22.23
C ARG A 249 15.52 -23.82 -21.90
N GLN A 250 15.92 -23.02 -22.88
CA GLN A 250 16.91 -21.97 -22.64
C GLN A 250 16.38 -20.88 -21.73
N ALA A 251 15.06 -20.73 -21.60
CA ALA A 251 14.50 -19.76 -20.68
C ALA A 251 14.41 -20.31 -19.25
N ALA A 252 14.32 -21.63 -19.10
CA ALA A 252 14.25 -22.20 -17.76
C ALA A 252 15.50 -21.86 -16.95
N GLU A 253 16.67 -22.08 -17.53
CA GLU A 253 17.94 -21.76 -16.87
C GLU A 253 18.31 -20.31 -17.18
N ASP A 254 17.53 -19.40 -16.58
CA ASP A 254 17.70 -17.98 -16.79
C ASP A 254 18.42 -17.35 -15.60
N LYS A 255 19.24 -16.35 -15.87
CA LYS A 255 20.00 -15.67 -14.83
C LYS A 255 19.28 -14.47 -14.27
N SER A 256 18.44 -13.81 -15.07
CA SER A 256 17.71 -12.64 -14.60
C SER A 256 16.63 -12.98 -13.57
N TRP A 257 16.43 -14.26 -13.27
CA TRP A 257 15.58 -14.74 -12.17
C TRP A 257 14.13 -14.29 -12.29
N ARG A 258 13.89 -13.02 -12.65
CA ARG A 258 12.52 -12.59 -12.95
C ARG A 258 11.83 -13.52 -13.93
N VAL A 259 12.56 -13.97 -14.95
CA VAL A 259 11.95 -14.85 -15.95
C VAL A 259 11.60 -16.19 -15.32
N ARG A 260 12.44 -16.68 -14.41
CA ARG A 260 12.12 -17.93 -13.72
C ARG A 260 10.85 -17.79 -12.89
N TYR A 261 10.69 -16.66 -12.21
CA TYR A 261 9.47 -16.44 -11.43
C TYR A 261 8.25 -16.36 -12.34
N MET A 262 8.40 -15.68 -13.48
CA MET A 262 7.28 -15.58 -14.42
C MET A 262 6.90 -16.96 -14.95
N VAL A 263 7.89 -17.80 -15.25
CA VAL A 263 7.60 -19.16 -15.72
C VAL A 263 6.92 -19.96 -14.62
N ALA A 264 7.37 -19.79 -13.37
CA ALA A 264 6.74 -20.49 -12.26
C ALA A 264 5.28 -20.07 -12.10
N ASP A 265 4.99 -18.78 -12.30
CA ASP A 265 3.62 -18.30 -12.20
C ASP A 265 2.76 -18.75 -13.37
N LYS A 266 3.37 -19.20 -14.47
CA LYS A 266 2.63 -19.64 -15.65
C LYS A 266 2.87 -21.12 -15.95
N PHE A 267 3.33 -21.89 -14.96
CA PHE A 267 3.62 -23.30 -15.21
C PHE A 267 2.34 -24.09 -15.48
N THR A 268 1.28 -23.82 -14.72
CA THR A 268 0.03 -24.55 -14.89
C THR A 268 -0.60 -24.24 -16.25
N GLU A 269 -0.69 -22.95 -16.59
CA GLU A 269 -1.25 -22.56 -17.88
C GLU A 269 -0.42 -23.13 -19.03
N LEU A 270 0.89 -23.27 -18.84
CA LEU A 270 1.72 -23.89 -19.87
C LEU A 270 1.40 -25.37 -20.00
N GLN A 271 1.46 -26.11 -18.89
CA GLN A 271 1.14 -27.54 -18.92
C GLN A 271 -0.24 -27.79 -19.50
N LYS A 272 -1.16 -26.84 -19.34
CA LYS A 272 -2.50 -27.00 -19.87
C LYS A 272 -2.51 -27.19 -21.38
N ALA A 273 -1.45 -26.76 -22.07
CA ALA A 273 -1.40 -26.86 -23.53
C ALA A 273 -0.16 -27.56 -24.07
N VAL A 274 0.86 -27.79 -23.25
CA VAL A 274 2.07 -28.44 -23.75
C VAL A 274 1.77 -29.87 -24.17
N GLY A 275 0.90 -30.56 -23.44
CA GLY A 275 0.57 -31.94 -23.73
C GLY A 275 1.09 -32.87 -22.66
N PRO A 276 0.60 -34.11 -22.66
CA PRO A 276 1.01 -35.05 -21.60
C PRO A 276 2.39 -35.64 -21.81
N GLU A 277 2.71 -36.06 -23.03
CA GLU A 277 4.00 -36.68 -23.26
C GLU A 277 5.14 -35.67 -23.15
N ILE A 278 4.99 -34.50 -23.78
CA ILE A 278 6.02 -33.46 -23.67
C ILE A 278 6.14 -33.02 -22.23
N THR A 279 5.01 -32.92 -21.53
CA THR A 279 5.04 -32.62 -20.10
C THR A 279 5.92 -33.62 -19.36
N LYS A 280 5.51 -34.89 -19.35
CA LYS A 280 6.25 -35.90 -18.60
C LYS A 280 7.71 -35.97 -19.02
N THR A 281 8.03 -35.58 -20.26
CA THR A 281 9.42 -35.69 -20.71
C THR A 281 10.27 -34.52 -20.24
N ASP A 282 9.76 -33.29 -20.33
CA ASP A 282 10.57 -32.10 -20.09
C ASP A 282 10.15 -31.30 -18.87
N LEU A 283 8.86 -31.10 -18.64
CA LEU A 283 8.42 -30.21 -17.56
C LEU A 283 8.71 -30.82 -16.19
N VAL A 284 8.50 -32.13 -16.05
CA VAL A 284 8.74 -32.78 -14.75
C VAL A 284 10.20 -32.63 -14.33
N PRO A 285 11.19 -32.94 -15.16
CA PRO A 285 12.57 -32.57 -14.78
C PRO A 285 12.74 -31.08 -14.58
N ALA A 286 12.13 -30.26 -15.43
CA ALA A 286 12.24 -28.81 -15.28
C ALA A 286 11.63 -28.36 -13.96
N PHE A 287 10.47 -28.92 -13.58
CA PHE A 287 9.85 -28.56 -12.32
C PHE A 287 10.69 -29.01 -11.14
N GLN A 288 11.25 -30.22 -11.22
CA GLN A 288 12.10 -30.73 -10.14
C GLN A 288 13.34 -29.86 -9.99
N ASN A 289 13.88 -29.33 -11.08
CA ASN A 289 15.04 -28.46 -11.00
C ASN A 289 14.66 -27.06 -10.52
N LEU A 290 13.47 -26.59 -10.85
CA LEU A 290 13.04 -25.27 -10.41
C LEU A 290 12.75 -25.26 -8.92
N MET A 291 12.10 -26.31 -8.40
CA MET A 291 11.81 -26.37 -6.98
C MET A 291 13.09 -26.42 -6.13
N LYS A 292 14.21 -26.84 -6.73
CA LYS A 292 15.48 -26.91 -6.04
C LYS A 292 16.34 -25.68 -6.30
N ASP A 293 15.74 -24.59 -6.76
CA ASP A 293 16.49 -23.38 -7.07
C ASP A 293 16.89 -22.64 -5.81
N CYS A 294 17.81 -21.69 -5.96
CA CYS A 294 18.28 -20.90 -4.82
C CYS A 294 17.33 -19.76 -4.50
N GLU A 295 16.60 -19.26 -5.49
CA GLU A 295 15.66 -18.17 -5.27
C GLU A 295 14.53 -18.63 -4.34
N ALA A 296 13.82 -17.66 -3.79
CA ALA A 296 12.71 -17.93 -2.88
C ALA A 296 11.34 -17.80 -3.54
N GLU A 297 11.19 -16.86 -4.46
CA GLU A 297 9.88 -16.67 -5.10
C GLU A 297 9.54 -17.84 -6.02
N VAL A 298 10.52 -18.30 -6.82
CA VAL A 298 10.25 -19.41 -7.72
C VAL A 298 9.87 -20.65 -6.93
N ARG A 299 10.57 -20.92 -5.83
CA ARG A 299 10.25 -22.10 -5.03
C ARG A 299 8.90 -21.97 -4.35
N ALA A 300 8.55 -20.76 -3.91
CA ALA A 300 7.24 -20.53 -3.32
C ALA A 300 6.13 -20.81 -4.34
N ALA A 301 6.29 -20.26 -5.55
CA ALA A 301 5.29 -20.49 -6.59
C ALA A 301 5.19 -21.97 -6.95
N ALA A 302 6.34 -22.65 -7.03
CA ALA A 302 6.32 -24.08 -7.35
C ALA A 302 5.60 -24.87 -6.26
N SER A 303 5.89 -24.57 -4.99
CA SER A 303 5.22 -25.26 -3.90
C SER A 303 3.72 -24.95 -3.87
N HIS A 304 3.33 -23.75 -4.28
CA HIS A 304 1.92 -23.39 -4.29
C HIS A 304 1.17 -24.05 -5.45
N LYS A 305 1.82 -24.25 -6.59
CA LYS A 305 1.18 -24.80 -7.76
C LYS A 305 1.42 -26.30 -7.94
N VAL A 306 2.19 -26.93 -7.05
CA VAL A 306 2.43 -28.37 -7.16
C VAL A 306 1.11 -29.13 -7.07
N LYS A 307 0.19 -28.66 -6.24
CA LYS A 307 -1.09 -29.34 -6.10
C LYS A 307 -1.87 -29.31 -7.41
N GLU A 308 -2.01 -28.13 -8.01
CA GLU A 308 -2.71 -28.02 -9.28
C GLU A 308 -2.00 -28.78 -10.39
N PHE A 309 -0.67 -28.88 -10.32
CA PHE A 309 0.07 -29.62 -11.33
C PHE A 309 -0.19 -31.12 -11.19
N CYS A 310 -0.15 -31.64 -9.96
CA CYS A 310 -0.39 -33.07 -9.76
C CYS A 310 -1.84 -33.44 -10.03
N GLU A 311 -2.77 -32.52 -9.76
CA GLU A 311 -4.18 -32.83 -10.00
C GLU A 311 -4.49 -32.92 -11.49
N ASN A 312 -3.81 -32.14 -12.32
CA ASN A 312 -4.02 -32.14 -13.76
C ASN A 312 -3.07 -33.08 -14.49
N LEU A 313 -2.50 -34.06 -13.81
CA LEU A 313 -1.57 -35.00 -14.42
C LEU A 313 -2.34 -36.21 -14.94
N SER A 314 -1.87 -36.77 -16.06
CA SER A 314 -2.52 -37.91 -16.66
C SER A 314 -2.73 -39.02 -15.63
N ALA A 315 -3.88 -39.68 -15.71
CA ALA A 315 -4.26 -40.73 -14.78
C ALA A 315 -3.79 -42.11 -15.22
N ASP A 316 -2.81 -42.19 -16.13
CA ASP A 316 -2.32 -43.48 -16.59
C ASP A 316 -1.44 -44.14 -15.53
N CYS A 317 -0.41 -43.44 -15.08
CA CYS A 317 0.51 -43.97 -14.09
C CYS A 317 1.08 -42.83 -13.25
N ARG A 318 0.19 -41.97 -12.72
CA ARG A 318 0.63 -40.83 -11.93
C ARG A 318 1.34 -41.28 -10.66
N GLU A 319 0.93 -42.42 -10.09
CA GLU A 319 1.51 -42.87 -8.83
C GLU A 319 3.00 -43.10 -8.96
N ASN A 320 3.43 -43.85 -9.98
CA ASN A 320 4.84 -44.14 -10.14
C ASN A 320 5.66 -42.87 -10.30
N VAL A 321 5.25 -41.99 -11.20
CA VAL A 321 6.05 -40.79 -11.49
C VAL A 321 6.08 -39.87 -10.28
N ILE A 322 4.95 -39.72 -9.59
CA ILE A 322 4.91 -38.81 -8.44
C ILE A 322 5.76 -39.37 -7.29
N MET A 323 5.71 -40.68 -7.08
CA MET A 323 6.51 -41.28 -6.01
C MET A 323 8.00 -41.25 -6.36
N SER A 324 8.34 -41.28 -7.65
CA SER A 324 9.74 -41.32 -8.05
C SER A 324 10.37 -39.94 -8.19
N GLN A 325 9.57 -38.90 -8.46
CA GLN A 325 10.10 -37.58 -8.77
C GLN A 325 9.77 -36.53 -7.72
N ILE A 326 8.49 -36.36 -7.38
CA ILE A 326 8.08 -35.23 -6.55
C ILE A 326 8.36 -35.50 -5.08
N LEU A 327 7.80 -36.58 -4.54
CA LEU A 327 7.94 -36.83 -3.10
C LEU A 327 9.39 -36.90 -2.66
N PRO A 328 10.30 -37.56 -3.38
CA PRO A 328 11.71 -37.55 -2.94
C PRO A 328 12.32 -36.17 -2.88
N CYS A 329 11.72 -35.17 -3.54
CA CYS A 329 12.25 -33.82 -3.57
C CYS A 329 11.50 -32.85 -2.66
N ILE A 330 10.22 -33.12 -2.38
CA ILE A 330 9.46 -32.23 -1.49
C ILE A 330 10.02 -32.27 -0.07
N LYS A 331 10.84 -33.26 0.26
CA LYS A 331 11.47 -33.30 1.58
C LYS A 331 12.35 -32.08 1.80
N GLU A 332 13.03 -31.61 0.75
CA GLU A 332 13.87 -30.43 0.88
C GLU A 332 13.05 -29.16 1.04
N LEU A 333 11.88 -29.10 0.40
CA LEU A 333 11.04 -27.91 0.53
C LEU A 333 10.37 -27.86 1.90
N VAL A 334 9.76 -28.96 2.33
CA VAL A 334 9.11 -28.98 3.63
C VAL A 334 10.13 -28.71 4.74
N SER A 335 11.38 -29.11 4.54
CA SER A 335 12.44 -28.87 5.51
C SER A 335 13.23 -27.60 5.22
N ASP A 336 12.85 -26.84 4.21
CA ASP A 336 13.57 -25.62 3.87
C ASP A 336 13.45 -24.59 5.00
N ALA A 337 14.45 -23.72 5.08
CA ALA A 337 14.47 -22.68 6.10
C ALA A 337 13.56 -21.51 5.77
N ASN A 338 13.05 -21.43 4.54
CA ASN A 338 12.18 -20.33 4.17
C ASN A 338 10.82 -20.47 4.85
N GLN A 339 10.23 -19.33 5.19
CA GLN A 339 8.94 -19.31 5.87
C GLN A 339 7.78 -19.17 4.88
N HIS A 340 7.92 -18.32 3.87
CA HIS A 340 6.84 -18.16 2.90
C HIS A 340 6.64 -19.43 2.08
N VAL A 341 7.72 -20.12 1.74
CA VAL A 341 7.61 -21.36 0.98
C VAL A 341 6.78 -22.38 1.76
N LYS A 342 7.08 -22.55 3.05
CA LYS A 342 6.34 -23.50 3.86
C LYS A 342 4.89 -23.04 4.05
N SER A 343 4.69 -21.74 4.24
CA SER A 343 3.33 -21.22 4.40
C SER A 343 2.49 -21.51 3.16
N ALA A 344 3.08 -21.39 1.97
CA ALA A 344 2.35 -21.66 0.74
C ALA A 344 2.19 -23.15 0.49
N LEU A 345 3.15 -23.96 0.94
CA LEU A 345 3.07 -25.41 0.72
C LEU A 345 2.10 -26.08 1.66
N ALA A 346 1.91 -25.53 2.87
CA ALA A 346 1.04 -26.18 3.85
C ALA A 346 -0.41 -26.16 3.40
N SER A 347 -0.84 -25.09 2.74
CA SER A 347 -2.23 -24.93 2.33
C SER A 347 -2.56 -25.68 1.04
N VAL A 348 -1.65 -26.50 0.53
CA VAL A 348 -1.86 -27.17 -0.75
C VAL A 348 -1.41 -28.63 -0.68
N ILE A 349 -0.49 -28.94 0.24
CA ILE A 349 0.03 -30.30 0.31
C ILE A 349 -1.05 -31.29 0.71
N MET A 350 -2.02 -30.85 1.52
CA MET A 350 -3.05 -31.78 2.00
C MET A 350 -3.98 -32.23 0.89
N GLY A 351 -4.09 -31.46 -0.20
CA GLY A 351 -4.94 -31.86 -1.30
C GLY A 351 -4.48 -33.09 -2.05
N LEU A 352 -3.29 -33.60 -1.75
CA LEU A 352 -2.74 -34.78 -2.41
C LEU A 352 -3.04 -36.07 -1.68
N SER A 353 -3.80 -36.02 -0.59
CA SER A 353 -4.08 -37.24 0.18
C SER A 353 -4.83 -38.28 -0.63
N PRO A 354 -5.86 -37.95 -1.42
CA PRO A 354 -6.59 -39.02 -2.12
C PRO A 354 -5.83 -39.61 -3.30
N ILE A 355 -4.96 -38.82 -3.93
CA ILE A 355 -4.30 -39.30 -5.16
C ILE A 355 -3.26 -40.36 -4.81
N LEU A 356 -2.57 -40.21 -3.68
CA LEU A 356 -1.53 -41.16 -3.30
C LEU A 356 -2.08 -42.51 -2.87
N GLY A 357 -3.40 -42.64 -2.72
CA GLY A 357 -3.99 -43.90 -2.29
C GLY A 357 -3.95 -44.08 -0.78
N LYS A 358 -4.90 -44.83 -0.24
CA LYS A 358 -4.98 -45.00 1.21
C LYS A 358 -3.77 -45.78 1.75
N ASP A 359 -3.24 -46.71 0.96
CA ASP A 359 -2.15 -47.55 1.46
C ASP A 359 -0.84 -46.78 1.56
N ASN A 360 -0.62 -45.80 0.69
CA ASN A 360 0.63 -45.05 0.65
C ASN A 360 0.52 -43.66 1.26
N THR A 361 -0.67 -43.05 1.25
CA THR A 361 -0.80 -41.71 1.79
C THR A 361 -0.55 -41.69 3.29
N ILE A 362 -1.18 -42.60 4.04
CA ILE A 362 -1.03 -42.65 5.48
C ILE A 362 0.39 -43.03 5.90
N GLU A 363 1.21 -43.48 4.97
CA GLU A 363 2.59 -43.83 5.27
C GLU A 363 3.58 -42.77 4.82
N HIS A 364 3.25 -41.98 3.79
CA HIS A 364 4.16 -40.96 3.28
C HIS A 364 3.78 -39.55 3.71
N LEU A 365 2.53 -39.14 3.48
CA LEU A 365 2.14 -37.77 3.81
C LEU A 365 1.82 -37.59 5.28
N LEU A 366 1.45 -38.65 5.97
CA LEU A 366 1.13 -38.53 7.40
C LEU A 366 2.29 -38.01 8.21
N PRO A 367 3.51 -38.57 8.11
CA PRO A 367 4.61 -38.00 8.91
C PRO A 367 4.94 -36.56 8.55
N LEU A 368 5.01 -36.25 7.25
CA LEU A 368 5.28 -34.87 6.85
C LEU A 368 4.15 -33.95 7.30
N PHE A 369 2.90 -34.41 7.21
CA PHE A 369 1.78 -33.61 7.65
C PHE A 369 1.88 -33.31 9.15
N LEU A 370 2.21 -34.32 9.95
CA LEU A 370 2.35 -34.10 11.38
C LEU A 370 3.52 -33.17 11.68
N ALA A 371 4.63 -33.31 10.95
CA ALA A 371 5.77 -32.43 11.15
C ALA A 371 5.41 -30.99 10.83
N GLN A 372 4.66 -30.76 9.77
CA GLN A 372 4.23 -29.41 9.43
C GLN A 372 3.22 -28.86 10.42
N LEU A 373 2.38 -29.74 10.99
CA LEU A 373 1.37 -29.28 11.93
C LEU A 373 1.97 -28.79 13.23
N LYS A 374 3.15 -29.28 13.60
CA LYS A 374 3.80 -28.92 14.85
C LYS A 374 4.95 -27.94 14.64
N ASP A 375 4.98 -27.24 13.50
CA ASP A 375 6.03 -26.27 13.25
C ASP A 375 5.83 -25.03 14.13
N GLU A 376 6.88 -24.21 14.19
CA GLU A 376 6.84 -23.00 14.99
C GLU A 376 6.11 -21.85 14.30
N CYS A 377 5.84 -21.97 13.00
CA CYS A 377 5.15 -20.91 12.27
C CYS A 377 3.66 -20.99 12.54
N PRO A 378 3.05 -19.99 13.18
CA PRO A 378 1.60 -20.07 13.45
C PRO A 378 0.76 -20.10 12.18
N GLU A 379 1.10 -19.30 11.18
CA GLU A 379 0.32 -19.27 9.96
C GLU A 379 0.32 -20.63 9.26
N VAL A 380 1.40 -21.39 9.39
CA VAL A 380 1.44 -22.72 8.80
C VAL A 380 0.39 -23.62 9.43
N ARG A 381 0.34 -23.65 10.76
CA ARG A 381 -0.66 -24.46 11.44
C ARG A 381 -2.07 -23.96 11.14
N LEU A 382 -2.25 -22.64 11.02
CA LEU A 382 -3.55 -22.11 10.67
C LEU A 382 -4.00 -22.60 9.29
N ASN A 383 -3.11 -22.51 8.30
CA ASN A 383 -3.46 -22.98 6.97
C ASN A 383 -3.71 -24.48 6.96
N ILE A 384 -2.97 -25.24 7.78
CA ILE A 384 -3.16 -26.68 7.83
C ILE A 384 -4.55 -27.01 8.38
N ILE A 385 -4.89 -26.43 9.53
CA ILE A 385 -6.18 -26.72 10.15
C ILE A 385 -7.34 -26.10 9.38
N SER A 386 -7.07 -25.13 8.51
CA SER A 386 -8.15 -24.49 7.76
C SER A 386 -8.82 -25.48 6.81
N ASN A 387 -8.02 -26.26 6.07
CA ASN A 387 -8.53 -27.21 5.10
C ASN A 387 -8.40 -28.65 5.58
N LEU A 388 -8.56 -28.87 6.89
CA LEU A 388 -8.43 -30.21 7.46
C LEU A 388 -9.63 -31.11 7.16
N ASP A 389 -10.67 -30.59 6.53
CA ASP A 389 -11.87 -31.37 6.22
C ASP A 389 -11.73 -32.20 4.96
N CYS A 390 -10.51 -32.40 4.45
CA CYS A 390 -10.28 -33.16 3.23
C CYS A 390 -9.67 -34.52 3.49
N VAL A 391 -9.43 -34.90 4.74
CA VAL A 391 -8.80 -36.16 5.06
C VAL A 391 -9.86 -37.16 5.52
N ASN A 392 -10.89 -36.68 6.19
CA ASN A 392 -11.92 -37.57 6.72
C ASN A 392 -12.64 -38.33 5.60
N GLU A 393 -12.79 -37.70 4.43
CA GLU A 393 -13.44 -38.37 3.31
C GLU A 393 -12.54 -39.38 2.61
N VAL A 394 -11.26 -39.45 2.98
CA VAL A 394 -10.31 -40.37 2.36
C VAL A 394 -9.89 -41.46 3.33
N ILE A 395 -9.64 -41.11 4.59
CA ILE A 395 -9.21 -42.06 5.61
C ILE A 395 -10.35 -42.26 6.60
N GLY A 396 -10.41 -43.47 7.15
CA GLY A 396 -11.45 -43.78 8.12
C GLY A 396 -11.39 -42.87 9.33
N ILE A 397 -12.55 -42.73 9.99
CA ILE A 397 -12.64 -41.88 11.16
C ILE A 397 -11.77 -42.42 12.29
N ARG A 398 -11.79 -43.74 12.50
CA ARG A 398 -11.00 -44.33 13.56
C ARG A 398 -9.50 -44.26 13.25
N GLN A 399 -9.13 -44.55 12.00
CA GLN A 399 -7.72 -44.44 11.63
C GLN A 399 -7.23 -43.00 11.71
N LEU A 400 -8.09 -42.03 11.39
CA LEU A 400 -7.70 -40.63 11.50
C LEU A 400 -7.60 -40.21 12.96
N SER A 401 -8.46 -40.74 13.83
CA SER A 401 -8.41 -40.38 15.23
C SER A 401 -7.23 -41.03 15.93
N GLN A 402 -6.78 -42.19 15.43
CA GLN A 402 -5.63 -42.85 16.04
C GLN A 402 -4.38 -41.98 15.96
N SER A 403 -4.28 -41.13 14.94
CA SER A 403 -3.07 -40.37 14.69
C SER A 403 -3.25 -38.87 14.88
N LEU A 404 -4.19 -38.24 14.15
CA LEU A 404 -4.24 -36.79 14.11
C LEU A 404 -5.15 -36.17 15.16
N LEU A 405 -6.13 -36.92 15.68
CA LEU A 405 -7.03 -36.34 16.68
C LEU A 405 -6.27 -35.88 17.92
N PRO A 406 -5.34 -36.64 18.48
CA PRO A 406 -4.57 -36.13 19.63
C PRO A 406 -3.83 -34.84 19.31
N ALA A 407 -3.21 -34.76 18.14
CA ALA A 407 -2.46 -33.56 17.79
C ALA A 407 -3.35 -32.33 17.72
N ILE A 408 -4.53 -32.46 17.09
CA ILE A 408 -5.41 -31.31 16.93
C ILE A 408 -6.04 -30.93 18.26
N VAL A 409 -6.43 -31.92 19.08
CA VAL A 409 -7.02 -31.59 20.37
C VAL A 409 -5.97 -31.07 21.34
N GLU A 410 -4.68 -31.32 21.08
CA GLU A 410 -3.64 -30.72 21.90
C GLU A 410 -3.31 -29.30 21.44
N LEU A 411 -3.25 -29.08 20.13
CA LEU A 411 -2.98 -27.75 19.60
C LEU A 411 -4.20 -26.84 19.65
N ALA A 412 -5.37 -27.36 20.03
CA ALA A 412 -6.57 -26.52 20.10
C ALA A 412 -6.44 -25.39 21.11
N GLU A 413 -5.45 -25.46 22.00
CA GLU A 413 -5.22 -24.43 23.02
C GLU A 413 -3.95 -23.64 22.72
N ASP A 414 -3.68 -23.38 21.45
CA ASP A 414 -2.49 -22.63 21.07
C ASP A 414 -2.63 -21.18 21.52
N ALA A 415 -1.46 -20.51 21.61
CA ALA A 415 -1.46 -19.11 22.03
C ALA A 415 -2.22 -18.24 21.04
N LYS A 416 -2.04 -18.49 19.75
CA LYS A 416 -2.73 -17.70 18.73
C LYS A 416 -4.22 -18.04 18.73
N TRP A 417 -5.04 -17.02 18.96
CA TRP A 417 -6.48 -17.25 19.07
C TRP A 417 -7.10 -17.65 17.73
N ARG A 418 -6.48 -17.25 16.62
CA ARG A 418 -7.04 -17.61 15.31
C ARG A 418 -6.99 -19.12 15.10
N VAL A 419 -5.95 -19.78 15.61
CA VAL A 419 -5.88 -21.23 15.52
C VAL A 419 -7.03 -21.86 16.29
N ARG A 420 -7.33 -21.33 17.47
CA ARG A 420 -8.44 -21.85 18.26
C ARG A 420 -9.76 -21.63 17.54
N LEU A 421 -9.93 -20.47 16.91
CA LEU A 421 -11.16 -20.20 16.16
C LEU A 421 -11.31 -21.17 14.99
N ALA A 422 -10.21 -21.44 14.29
CA ALA A 422 -10.25 -22.39 13.19
C ALA A 422 -10.63 -23.78 13.68
N ILE A 423 -10.00 -24.22 14.78
CA ILE A 423 -10.32 -25.53 15.33
C ILE A 423 -11.80 -25.59 15.73
N ILE A 424 -12.32 -24.50 16.30
CA ILE A 424 -13.71 -24.48 16.72
C ILE A 424 -14.64 -24.59 15.52
N GLU A 425 -14.43 -23.75 14.51
CA GLU A 425 -15.30 -23.77 13.35
C GLU A 425 -15.15 -25.06 12.54
N TYR A 426 -14.06 -25.79 12.71
CA TYR A 426 -13.90 -27.08 12.05
C TYR A 426 -14.46 -28.24 12.87
N MET A 427 -14.56 -28.09 14.19
CA MET A 427 -15.02 -29.17 15.05
C MET A 427 -16.33 -29.81 14.60
N PRO A 428 -17.40 -29.06 14.32
CA PRO A 428 -18.72 -29.70 14.10
C PRO A 428 -18.69 -30.95 13.25
N LEU A 429 -17.99 -30.91 12.11
CA LEU A 429 -17.98 -32.05 11.21
C LEU A 429 -17.31 -33.26 11.86
N LEU A 430 -16.13 -33.06 12.45
CA LEU A 430 -15.43 -34.18 13.07
C LEU A 430 -16.20 -34.71 14.27
N ALA A 431 -16.83 -33.82 15.04
CA ALA A 431 -17.62 -34.26 16.18
C ALA A 431 -18.81 -35.10 15.73
N GLY A 432 -19.48 -34.69 14.66
CA GLY A 432 -20.59 -35.48 14.15
C GLY A 432 -20.14 -36.79 13.54
N GLN A 433 -18.94 -36.83 12.96
CA GLN A 433 -18.44 -38.06 12.37
C GLN A 433 -17.84 -39.01 13.39
N LEU A 434 -17.48 -38.52 14.58
CA LEU A 434 -16.90 -39.40 15.59
C LEU A 434 -17.97 -40.11 16.40
N GLY A 435 -18.96 -39.38 16.86
CA GLY A 435 -20.02 -39.92 17.69
C GLY A 435 -20.42 -38.93 18.77
N VAL A 436 -21.64 -39.10 19.28
CA VAL A 436 -22.14 -38.18 20.29
C VAL A 436 -21.47 -38.43 21.64
N GLU A 437 -21.04 -39.67 21.90
CA GLU A 437 -20.47 -39.99 23.19
C GLU A 437 -18.99 -39.65 23.27
N PHE A 438 -18.26 -39.78 22.16
CA PHE A 438 -16.81 -39.56 22.18
C PHE A 438 -16.48 -38.14 22.65
N PHE A 439 -17.00 -37.14 21.95
CA PHE A 439 -16.69 -35.76 22.30
C PHE A 439 -17.27 -35.36 23.65
N ASP A 440 -18.41 -35.96 24.02
CA ASP A 440 -19.02 -35.63 25.30
C ASP A 440 -18.22 -36.21 26.46
N GLU A 441 -17.53 -37.32 26.25
CA GLU A 441 -16.73 -37.94 27.30
C GLU A 441 -15.28 -37.50 27.30
N LYS A 442 -14.77 -36.97 26.19
CA LYS A 442 -13.36 -36.60 26.08
C LYS A 442 -13.15 -35.14 25.72
N LEU A 443 -13.98 -34.56 24.85
CA LEU A 443 -13.79 -33.20 24.37
C LEU A 443 -14.71 -32.21 25.09
N ASN A 444 -15.07 -32.48 26.35
CA ASN A 444 -15.87 -31.54 27.10
C ASN A 444 -15.02 -30.45 27.74
N SER A 445 -13.86 -30.83 28.28
CA SER A 445 -12.97 -29.84 28.89
C SER A 445 -12.49 -28.84 27.87
N LEU A 446 -12.27 -29.27 26.62
CA LEU A 446 -11.83 -28.34 25.58
C LEU A 446 -12.91 -27.32 25.29
N CYS A 447 -14.16 -27.76 25.15
CA CYS A 447 -15.26 -26.82 24.92
C CYS A 447 -15.42 -25.88 26.10
N MET A 448 -15.26 -26.38 27.32
CA MET A 448 -15.38 -25.51 28.48
C MET A 448 -14.29 -24.45 28.50
N ALA A 449 -13.04 -24.86 28.21
CA ALA A 449 -11.95 -23.89 28.13
C ALA A 449 -12.21 -22.87 27.04
N TRP A 450 -12.82 -23.30 25.93
CA TRP A 450 -13.16 -22.36 24.85
C TRP A 450 -14.19 -21.36 25.32
N LEU A 451 -15.21 -21.82 26.05
CA LEU A 451 -16.31 -20.93 26.45
C LEU A 451 -15.88 -19.90 27.49
N VAL A 452 -14.79 -20.15 28.22
CA VAL A 452 -14.34 -19.24 29.27
C VAL A 452 -13.21 -18.33 28.79
N ASP A 453 -12.88 -18.36 27.50
CA ASP A 453 -11.82 -17.51 26.99
C ASP A 453 -12.17 -16.04 27.19
N HIS A 454 -11.15 -15.23 27.43
CA HIS A 454 -11.37 -13.80 27.67
C HIS A 454 -11.69 -13.04 26.38
N VAL A 455 -11.33 -13.58 25.23
CA VAL A 455 -11.59 -12.92 23.96
C VAL A 455 -13.03 -13.20 23.53
N TYR A 456 -13.65 -12.22 22.88
CA TYR A 456 -15.04 -12.33 22.48
C TYR A 456 -15.22 -13.20 21.24
N ALA A 457 -14.24 -13.17 20.33
CA ALA A 457 -14.36 -13.93 19.08
C ALA A 457 -14.44 -15.42 19.36
N ILE A 458 -13.57 -15.92 20.24
CA ILE A 458 -13.56 -17.36 20.53
C ILE A 458 -14.83 -17.76 21.26
N ARG A 459 -15.35 -16.89 22.12
CA ARG A 459 -16.59 -17.20 22.81
C ARG A 459 -17.76 -17.27 21.83
N GLU A 460 -17.81 -16.34 20.87
CA GLU A 460 -18.85 -16.40 19.84
C GLU A 460 -18.70 -17.66 18.98
N ALA A 461 -17.46 -18.03 18.66
CA ALA A 461 -17.25 -19.24 17.86
C ALA A 461 -17.69 -20.48 18.63
N ALA A 462 -17.42 -20.53 19.93
CA ALA A 462 -17.87 -21.66 20.74
C ALA A 462 -19.40 -21.70 20.82
N THR A 463 -20.02 -20.52 20.96
CA THR A 463 -21.48 -20.48 20.97
C THR A 463 -22.05 -21.00 19.65
N SER A 464 -21.44 -20.61 18.53
CA SER A 464 -21.91 -21.10 17.23
C SER A 464 -21.72 -22.61 17.10
N ASN A 465 -20.57 -23.12 17.55
CA ASN A 465 -20.35 -24.57 17.52
C ASN A 465 -21.37 -25.30 18.36
N LEU A 466 -21.70 -24.75 19.54
CA LEU A 466 -22.69 -25.38 20.40
C LEU A 466 -24.08 -25.37 19.75
N LYS A 467 -24.47 -24.24 19.15
CA LYS A 467 -25.77 -24.17 18.49
C LYS A 467 -25.83 -25.06 17.25
N LYS A 468 -24.68 -25.36 16.64
CA LYS A 468 -24.66 -26.26 15.50
C LYS A 468 -24.69 -27.72 15.94
N LEU A 469 -24.07 -28.05 17.08
CA LEU A 469 -24.04 -29.43 17.54
C LEU A 469 -25.33 -29.83 18.25
N VAL A 470 -25.99 -28.88 18.90
CA VAL A 470 -27.23 -29.21 19.61
C VAL A 470 -28.27 -29.75 18.65
N GLU A 471 -28.38 -29.14 17.47
CA GLU A 471 -29.32 -29.64 16.47
C GLU A 471 -28.85 -30.93 15.82
N LYS A 472 -27.55 -31.19 15.81
CA LYS A 472 -27.03 -32.44 15.28
C LYS A 472 -27.19 -33.61 16.25
N PHE A 473 -27.36 -33.32 17.55
CA PHE A 473 -27.53 -34.38 18.54
C PHE A 473 -28.87 -34.35 19.24
N GLY A 474 -29.69 -33.33 19.05
CA GLY A 474 -31.03 -33.29 19.62
C GLY A 474 -31.10 -32.42 20.87
N LYS A 475 -32.30 -32.39 21.44
CA LYS A 475 -32.57 -31.58 22.63
C LYS A 475 -32.28 -32.33 23.93
N GLU A 476 -32.12 -33.65 23.89
CA GLU A 476 -31.83 -34.39 25.10
C GLU A 476 -30.50 -33.97 25.69
N TRP A 477 -29.42 -34.08 24.91
CA TRP A 477 -28.12 -33.63 25.38
C TRP A 477 -28.15 -32.15 25.75
N ALA A 478 -28.96 -31.36 25.06
CA ALA A 478 -29.10 -29.95 25.42
C ALA A 478 -29.60 -29.79 26.85
N HIS A 479 -30.81 -30.27 27.12
CA HIS A 479 -31.40 -30.12 28.44
C HIS A 479 -30.63 -30.88 29.50
N ALA A 480 -29.77 -31.82 29.12
CA ALA A 480 -29.06 -32.65 30.09
C ALA A 480 -27.73 -32.02 30.51
N THR A 481 -26.85 -31.73 29.56
CA THR A 481 -25.46 -31.41 29.85
C THR A 481 -25.17 -29.91 29.79
N ILE A 482 -25.56 -29.24 28.71
CA ILE A 482 -25.04 -27.88 28.48
C ILE A 482 -25.80 -26.83 29.27
N ILE A 483 -27.06 -27.08 29.63
CA ILE A 483 -27.84 -26.05 30.32
C ILE A 483 -27.25 -25.69 31.67
N PRO A 484 -26.94 -26.64 32.56
CA PRO A 484 -26.35 -26.24 33.85
C PRO A 484 -24.96 -25.65 33.70
N LYS A 485 -24.14 -26.23 32.83
CA LYS A 485 -22.79 -25.71 32.64
C LYS A 485 -22.79 -24.29 32.08
N VAL A 486 -23.83 -23.93 31.33
CA VAL A 486 -23.92 -22.58 30.80
C VAL A 486 -24.54 -21.64 31.82
N LEU A 487 -25.50 -22.12 32.62
CA LEU A 487 -26.11 -21.28 33.64
C LEU A 487 -25.14 -20.99 34.78
N ALA A 488 -24.17 -21.87 35.00
CA ALA A 488 -23.21 -21.65 36.08
C ALA A 488 -22.29 -20.47 35.80
N MET A 489 -21.94 -20.26 34.53
CA MET A 489 -21.04 -19.16 34.18
C MET A 489 -21.63 -17.80 34.50
N SER A 490 -22.94 -17.72 34.73
CA SER A 490 -23.58 -16.43 35.02
C SER A 490 -23.25 -15.92 36.42
N GLY A 491 -22.55 -16.70 37.24
CA GLY A 491 -22.20 -16.28 38.58
C GLY A 491 -20.78 -15.78 38.68
N ASP A 492 -20.19 -15.36 37.55
CA ASP A 492 -18.83 -14.87 37.55
C ASP A 492 -18.80 -13.37 37.82
N PRO A 493 -17.69 -12.84 38.34
CA PRO A 493 -17.63 -11.40 38.61
C PRO A 493 -17.47 -10.56 37.36
N ASN A 494 -16.73 -11.05 36.35
CA ASN A 494 -16.52 -10.28 35.13
C ASN A 494 -17.80 -10.25 34.30
N TYR A 495 -18.25 -9.04 33.99
CA TYR A 495 -19.43 -8.89 33.14
C TYR A 495 -19.21 -9.50 31.76
N LEU A 496 -17.97 -9.52 31.28
CA LEU A 496 -17.67 -10.12 29.99
C LEU A 496 -17.99 -11.60 29.96
N HIS A 497 -18.01 -12.26 31.12
CA HIS A 497 -18.41 -13.66 31.20
C HIS A 497 -19.91 -13.82 31.38
N ARG A 498 -20.56 -12.87 32.05
CA ARG A 498 -22.01 -12.92 32.17
C ARG A 498 -22.69 -12.72 30.83
N MET A 499 -22.18 -11.78 30.02
CA MET A 499 -22.74 -11.56 28.70
C MET A 499 -22.60 -12.79 27.82
N THR A 500 -21.56 -13.59 28.04
CA THR A 500 -21.42 -14.83 27.29
C THR A 500 -22.63 -15.73 27.48
N THR A 501 -22.98 -16.01 28.73
CA THR A 501 -24.16 -16.83 29.00
C THR A 501 -25.44 -16.12 28.55
N LEU A 502 -25.48 -14.80 28.70
CA LEU A 502 -26.67 -14.05 28.29
C LEU A 502 -26.93 -14.23 26.78
N PHE A 503 -25.86 -14.26 25.99
CA PHE A 503 -26.01 -14.48 24.56
C PHE A 503 -26.33 -15.94 24.25
N CYS A 504 -25.57 -16.86 24.86
CA CYS A 504 -25.78 -18.28 24.59
C CYS A 504 -27.20 -18.71 24.93
N ILE A 505 -27.80 -18.10 25.94
CA ILE A 505 -29.15 -18.48 26.35
C ILE A 505 -30.11 -18.34 25.18
N ASN A 506 -30.15 -17.16 24.55
CA ASN A 506 -31.07 -16.96 23.44
C ASN A 506 -30.59 -17.65 22.18
N VAL A 507 -29.26 -17.76 21.98
CA VAL A 507 -28.76 -18.48 20.81
C VAL A 507 -29.17 -19.95 20.87
N LEU A 508 -29.40 -20.48 22.07
CA LEU A 508 -29.89 -21.85 22.21
C LEU A 508 -31.40 -21.92 22.24
N SER A 509 -32.07 -20.88 22.75
CA SER A 509 -33.52 -20.86 22.78
C SER A 509 -34.10 -20.76 21.37
N GLU A 510 -33.42 -20.03 20.48
CA GLU A 510 -33.89 -19.92 19.10
C GLU A 510 -33.89 -21.25 18.37
N VAL A 511 -33.29 -22.29 18.94
CA VAL A 511 -33.26 -23.61 18.33
C VAL A 511 -34.04 -24.63 19.14
N CYS A 512 -33.98 -24.54 20.47
CA CYS A 512 -34.67 -25.51 21.31
C CYS A 512 -36.18 -25.44 21.12
N GLY A 513 -36.77 -24.29 21.41
CA GLY A 513 -38.20 -24.08 21.31
C GLY A 513 -38.72 -23.34 22.52
N GLN A 514 -40.05 -23.35 22.66
CA GLN A 514 -40.68 -22.63 23.76
C GLN A 514 -40.61 -23.40 25.08
N ASP A 515 -40.63 -24.72 25.03
CA ASP A 515 -40.65 -25.53 26.25
C ASP A 515 -39.43 -25.26 27.12
N ILE A 516 -38.23 -25.64 26.65
CA ILE A 516 -37.02 -25.46 27.45
C ILE A 516 -36.82 -23.99 27.77
N THR A 517 -37.16 -23.11 26.81
CA THR A 517 -37.04 -21.68 27.03
C THR A 517 -37.80 -21.27 28.29
N THR A 518 -39.13 -21.29 28.21
CA THR A 518 -39.96 -20.87 29.33
C THR A 518 -39.76 -21.73 30.57
N LYS A 519 -39.10 -22.89 30.46
CA LYS A 519 -38.89 -23.73 31.63
C LYS A 519 -37.62 -23.38 32.40
N HIS A 520 -36.55 -23.01 31.70
CA HIS A 520 -35.26 -22.80 32.36
C HIS A 520 -34.62 -21.47 32.06
N MET A 521 -34.72 -20.98 30.81
CA MET A 521 -33.96 -19.79 30.44
C MET A 521 -34.66 -18.51 30.84
N LEU A 522 -35.98 -18.45 30.66
CA LEU A 522 -36.75 -17.26 31.02
C LEU A 522 -36.50 -16.81 32.45
N PRO A 523 -36.55 -17.67 33.47
CA PRO A 523 -36.21 -17.20 34.83
C PRO A 523 -34.81 -16.64 34.93
N THR A 524 -33.83 -17.26 34.27
CA THR A 524 -32.46 -16.74 34.35
C THR A 524 -32.35 -15.36 33.74
N VAL A 525 -32.97 -15.15 32.57
CA VAL A 525 -32.83 -13.86 31.90
C VAL A 525 -33.61 -12.78 32.63
N LEU A 526 -34.76 -13.13 33.23
CA LEU A 526 -35.49 -12.13 34.02
C LEU A 526 -34.86 -11.87 35.37
N ARG A 527 -34.03 -12.80 35.86
CA ARG A 527 -33.29 -12.55 37.10
C ARG A 527 -32.05 -11.70 36.85
N MET A 528 -31.36 -11.94 35.74
CA MET A 528 -30.16 -11.16 35.43
C MET A 528 -30.46 -9.69 35.20
N ALA A 529 -31.74 -9.34 34.99
CA ALA A 529 -32.08 -7.93 34.77
C ALA A 529 -31.77 -7.06 35.97
N GLY A 530 -31.69 -7.63 37.17
CA GLY A 530 -31.40 -6.89 38.37
C GLY A 530 -29.93 -6.64 38.64
N ASP A 531 -29.06 -6.95 37.68
CA ASP A 531 -27.63 -6.73 37.88
C ASP A 531 -27.35 -5.25 38.07
N PRO A 532 -26.59 -4.84 39.08
CA PRO A 532 -26.31 -3.41 39.27
C PRO A 532 -25.51 -2.80 38.15
N VAL A 533 -24.74 -3.60 37.39
CA VAL A 533 -23.95 -3.06 36.29
C VAL A 533 -24.87 -2.77 35.10
N ALA A 534 -24.81 -1.53 34.62
CA ALA A 534 -25.66 -1.12 33.51
C ALA A 534 -25.50 -2.06 32.31
N ASN A 535 -24.26 -2.48 32.05
CA ASN A 535 -23.99 -3.30 30.87
C ASN A 535 -24.87 -4.54 30.85
N VAL A 536 -24.88 -5.29 31.95
CA VAL A 536 -25.68 -6.51 32.00
C VAL A 536 -27.16 -6.18 31.84
N ARG A 537 -27.62 -5.11 32.50
CA ARG A 537 -29.05 -4.85 32.56
C ARG A 537 -29.59 -4.09 31.35
N PHE A 538 -28.77 -3.76 30.35
CA PHE A 538 -29.32 -3.49 29.03
C PHE A 538 -28.94 -4.52 27.98
N ASN A 539 -27.87 -5.30 28.20
CA ASN A 539 -27.68 -6.48 27.37
C ASN A 539 -28.83 -7.46 27.56
N VAL A 540 -29.44 -7.47 28.75
CA VAL A 540 -30.61 -8.30 28.98
C VAL A 540 -31.75 -7.87 28.07
N ALA A 541 -31.92 -6.55 27.87
CA ALA A 541 -32.95 -6.08 26.96
C ALA A 541 -32.57 -6.36 25.51
N LYS A 542 -31.29 -6.21 25.17
CA LYS A 542 -30.84 -6.56 23.83
C LYS A 542 -31.16 -8.00 23.49
N SER A 543 -31.01 -8.90 24.46
CA SER A 543 -31.33 -10.31 24.24
C SER A 543 -32.83 -10.56 24.30
N LEU A 544 -33.56 -9.84 25.15
CA LEU A 544 -35.01 -9.94 25.18
C LEU A 544 -35.61 -9.55 23.84
N GLN A 545 -34.98 -8.63 23.13
CA GLN A 545 -35.48 -8.25 21.80
C GLN A 545 -35.50 -9.45 20.85
N LYS A 546 -34.65 -10.44 21.09
CA LYS A 546 -34.56 -11.63 20.23
C LYS A 546 -35.32 -12.82 20.78
N ILE A 547 -35.24 -13.06 22.09
CA ILE A 547 -35.93 -14.21 22.68
C ILE A 547 -37.44 -14.01 22.77
N GLY A 548 -37.93 -12.78 22.55
CA GLY A 548 -39.33 -12.46 22.71
C GLY A 548 -40.25 -13.37 21.92
N PRO A 549 -40.12 -13.36 20.59
CA PRO A 549 -41.03 -14.16 19.75
C PRO A 549 -41.10 -15.63 20.15
N ILE A 550 -40.05 -16.13 20.80
CA ILE A 550 -40.05 -17.53 21.20
C ILE A 550 -41.10 -17.78 22.29
N LEU A 551 -41.31 -16.80 23.17
CA LEU A 551 -42.25 -16.97 24.25
C LEU A 551 -43.68 -16.91 23.74
N ASP A 552 -44.61 -17.39 24.56
CA ASP A 552 -46.02 -17.38 24.25
C ASP A 552 -46.66 -16.08 24.74
N ASN A 553 -47.94 -15.91 24.44
CA ASN A 553 -48.65 -14.68 24.82
C ASN A 553 -49.03 -14.65 26.29
N SER A 554 -49.09 -15.80 26.95
CA SER A 554 -49.48 -15.84 28.36
C SER A 554 -48.34 -15.38 29.26
N THR A 555 -47.24 -16.13 29.26
CA THR A 555 -46.10 -15.78 30.11
C THR A 555 -45.65 -14.34 29.85
N LEU A 556 -45.81 -13.86 28.62
CA LEU A 556 -45.46 -12.48 28.29
C LEU A 556 -46.17 -11.52 29.24
N GLN A 557 -47.48 -11.38 29.08
CA GLN A 557 -48.24 -10.48 29.95
C GLN A 557 -48.17 -10.91 31.41
N SER A 558 -47.73 -12.14 31.69
CA SER A 558 -47.65 -12.60 33.08
C SER A 558 -46.45 -11.99 33.79
N GLU A 559 -45.27 -12.01 33.16
CA GLU A 559 -44.05 -11.64 33.87
C GLU A 559 -43.11 -10.75 33.07
N VAL A 560 -43.14 -10.84 31.74
CA VAL A 560 -42.19 -10.06 30.96
C VAL A 560 -42.62 -8.60 30.88
N LYS A 561 -43.92 -8.32 31.00
CA LYS A 561 -44.38 -6.93 30.87
C LYS A 561 -43.98 -6.09 32.07
N PRO A 562 -44.20 -6.52 33.32
CA PRO A 562 -43.78 -5.69 34.45
C PRO A 562 -42.28 -5.43 34.49
N ILE A 563 -41.47 -6.45 34.16
CA ILE A 563 -40.02 -6.29 34.18
C ILE A 563 -39.60 -5.21 33.17
N LEU A 564 -40.16 -5.28 31.96
CA LEU A 564 -39.82 -4.29 30.94
C LEU A 564 -40.31 -2.91 31.32
N GLU A 565 -41.52 -2.82 31.86
CA GLU A 565 -42.05 -1.51 32.29
C GLU A 565 -41.20 -0.90 33.39
N LYS A 566 -40.65 -1.74 34.28
CA LYS A 566 -39.79 -1.21 35.34
C LYS A 566 -38.43 -0.81 34.80
N LEU A 567 -37.88 -1.61 33.88
CA LEU A 567 -36.59 -1.26 33.29
C LEU A 567 -36.69 0.00 32.44
N THR A 568 -37.87 0.30 31.90
CA THR A 568 -38.04 1.51 31.12
C THR A 568 -37.80 2.77 31.95
N GLN A 569 -38.03 2.68 33.26
CA GLN A 569 -37.83 3.80 34.17
C GLN A 569 -36.40 3.89 34.68
N ASP A 570 -35.48 3.10 34.13
CA ASP A 570 -34.09 3.13 34.59
C ASP A 570 -33.48 4.50 34.33
N GLN A 571 -32.47 4.84 35.13
CA GLN A 571 -31.87 6.17 35.07
C GLN A 571 -31.07 6.38 33.79
N ASP A 572 -30.50 5.31 33.23
CA ASP A 572 -29.68 5.44 32.03
C ASP A 572 -30.56 5.59 30.80
N VAL A 573 -30.09 6.39 29.83
CA VAL A 573 -30.87 6.66 28.64
C VAL A 573 -30.74 5.52 27.63
N ASP A 574 -29.56 4.89 27.56
CA ASP A 574 -29.34 3.83 26.60
C ASP A 574 -30.22 2.63 26.90
N VAL A 575 -30.25 2.20 28.16
CA VAL A 575 -31.10 1.08 28.55
C VAL A 575 -32.57 1.43 28.31
N LYS A 576 -32.93 2.69 28.53
CA LYS A 576 -34.31 3.11 28.30
C LYS A 576 -34.68 2.99 26.82
N TYR A 577 -33.81 3.46 25.94
CA TYR A 577 -34.07 3.35 24.51
C TYR A 577 -34.12 1.88 24.08
N PHE A 578 -33.24 1.05 24.64
CA PHE A 578 -33.26 -0.37 24.29
C PHE A 578 -34.55 -1.04 24.76
N ALA A 579 -35.02 -0.69 25.96
CA ALA A 579 -36.27 -1.26 26.45
C ALA A 579 -37.44 -0.79 25.60
N GLN A 580 -37.43 0.48 25.17
CA GLN A 580 -38.50 0.97 24.31
C GLN A 580 -38.50 0.24 22.97
N GLU A 581 -37.31 0.01 22.41
CA GLU A 581 -37.23 -0.72 21.15
C GLU A 581 -37.70 -2.16 21.31
N ALA A 582 -37.34 -2.80 22.43
CA ALA A 582 -37.80 -4.15 22.68
C ALA A 582 -39.32 -4.20 22.82
N LEU A 583 -39.89 -3.22 23.50
CA LEU A 583 -41.35 -3.16 23.63
C LEU A 583 -42.00 -2.96 22.27
N THR A 584 -41.43 -2.10 21.43
CA THR A 584 -42.00 -1.86 20.11
C THR A 584 -41.94 -3.14 19.26
N VAL A 585 -40.81 -3.84 19.28
CA VAL A 585 -40.69 -5.07 18.51
C VAL A 585 -41.63 -6.13 19.06
N LEU A 586 -41.82 -6.17 20.38
CA LEU A 586 -42.71 -7.13 21.01
C LEU A 586 -44.18 -6.83 20.76
N SER A 587 -44.50 -5.65 20.23
CA SER A 587 -45.88 -5.26 19.95
C SER A 587 -46.73 -5.23 21.22
N LEU A 588 -46.10 -4.90 22.35
CA LEU A 588 -46.80 -4.80 23.63
C LEU A 588 -47.36 -3.39 23.79
N ALA A 589 -48.40 -3.12 23.01
CA ALA A 589 -49.06 -1.81 23.03
C ALA A 589 -50.01 -1.71 24.21
N GLN B 68 59.09 -12.17 -18.39
CA GLN B 68 58.92 -13.30 -17.42
C GLN B 68 58.01 -12.89 -16.28
N GLU B 69 58.22 -11.69 -15.75
CA GLU B 69 57.40 -11.19 -14.65
C GLU B 69 56.02 -10.76 -15.14
N LEU B 70 55.84 -10.55 -16.44
CA LEU B 70 54.54 -10.13 -16.96
C LEU B 70 53.50 -11.24 -16.89
N PHE B 71 53.94 -12.50 -16.78
CA PHE B 71 52.99 -13.61 -16.74
C PHE B 71 52.37 -13.77 -15.36
N CYS B 72 53.07 -13.35 -14.30
CA CYS B 72 52.52 -13.48 -12.96
C CYS B 72 51.30 -12.61 -12.76
N GLN B 73 51.26 -11.44 -13.40
CA GLN B 73 50.11 -10.54 -13.24
C GLN B 73 48.83 -11.20 -13.72
N LYS B 74 48.90 -12.05 -14.74
CA LYS B 74 47.73 -12.74 -15.26
C LYS B 74 47.57 -14.15 -14.69
N LEU B 75 48.62 -14.71 -14.10
CA LEU B 75 48.52 -16.04 -13.49
C LEU B 75 47.92 -15.96 -12.09
N GLN B 76 48.14 -14.86 -11.38
CA GLN B 76 47.59 -14.70 -10.03
C GLN B 76 46.09 -14.44 -10.03
N GLN B 77 45.50 -14.13 -11.19
CA GLN B 77 44.07 -13.86 -11.24
C GLN B 77 43.24 -15.15 -11.13
N CYS B 78 43.82 -16.28 -11.52
CA CYS B 78 43.08 -17.54 -11.49
C CYS B 78 42.62 -17.88 -10.08
N CYS B 79 43.40 -17.49 -9.06
CA CYS B 79 43.01 -17.78 -7.68
C CYS B 79 41.72 -17.06 -7.31
N ILE B 80 41.57 -15.82 -7.78
CA ILE B 80 40.37 -15.02 -7.46
C ILE B 80 39.35 -15.19 -8.58
N LEU B 81 39.56 -16.19 -9.44
CA LEU B 81 38.62 -16.42 -10.54
C LEU B 81 37.23 -16.76 -10.02
N PHE B 82 37.16 -17.61 -9.00
CA PHE B 82 35.89 -18.03 -8.42
C PHE B 82 35.52 -17.15 -7.23
N ASP B 83 34.27 -17.27 -6.80
CA ASP B 83 33.74 -16.52 -5.67
C ASP B 83 33.43 -17.47 -4.53
N PHE B 84 33.76 -17.04 -3.31
CA PHE B 84 33.49 -17.85 -2.13
C PHE B 84 32.08 -17.70 -1.60
N MET B 85 31.35 -16.67 -2.04
CA MET B 85 29.96 -16.46 -1.62
C MET B 85 29.89 -16.01 -0.16
N ASP B 86 29.44 -14.78 0.06
CA ASP B 86 29.34 -14.26 1.42
C ASP B 86 28.26 -14.98 2.22
N SER B 87 27.20 -15.43 1.56
CA SER B 87 26.11 -16.09 2.26
C SER B 87 26.55 -17.42 2.87
N VAL B 88 27.41 -18.14 2.17
CA VAL B 88 27.89 -19.45 2.63
C VAL B 88 29.10 -19.25 3.52
N SER B 89 29.16 -20.02 4.60
CA SER B 89 30.30 -19.94 5.51
C SER B 89 31.58 -20.32 4.77
N ASP B 90 32.64 -19.57 5.04
CA ASP B 90 33.93 -19.74 4.38
C ASP B 90 35.01 -20.02 5.41
N LEU B 91 36.25 -20.08 4.93
CA LEU B 91 37.41 -20.31 5.79
C LEU B 91 38.55 -19.38 5.37
N LYS B 92 39.79 -19.84 5.48
CA LYS B 92 40.93 -19.04 5.04
C LYS B 92 40.86 -18.67 3.57
N SER B 93 39.94 -19.25 2.80
CA SER B 93 39.83 -18.91 1.38
C SER B 93 39.45 -17.45 1.19
N LYS B 94 38.42 -16.98 1.91
CA LYS B 94 38.02 -15.59 1.78
C LYS B 94 39.13 -14.66 2.24
N GLU B 95 39.84 -15.04 3.30
CA GLU B 95 40.98 -14.22 3.74
C GLU B 95 42.06 -14.16 2.68
N ILE B 96 42.30 -15.28 1.99
CA ILE B 96 43.30 -15.30 0.93
C ILE B 96 42.88 -14.38 -0.22
N LYS B 97 41.61 -14.45 -0.61
CA LYS B 97 41.12 -13.56 -1.67
C LYS B 97 41.27 -12.10 -1.26
N ARG B 98 40.87 -11.77 -0.03
CA ARG B 98 40.96 -10.40 0.44
C ARG B 98 42.41 -9.92 0.47
N ALA B 99 43.33 -10.77 0.92
CA ALA B 99 44.74 -10.38 0.96
C ALA B 99 45.29 -10.20 -0.44
N THR B 100 44.94 -11.09 -1.37
CA THR B 100 45.40 -10.95 -2.75
C THR B 100 44.92 -9.62 -3.34
N LEU B 101 43.66 -9.27 -3.11
CA LEU B 101 43.15 -8.01 -3.65
C LEU B 101 43.82 -6.81 -2.97
N ASN B 102 43.99 -6.87 -1.65
CA ASN B 102 44.62 -5.77 -0.93
C ASN B 102 46.06 -5.58 -1.37
N GLU B 103 46.72 -6.65 -1.79
CA GLU B 103 48.09 -6.51 -2.30
C GLU B 103 48.10 -6.03 -3.74
N LEU B 104 47.17 -6.50 -4.56
CA LEU B 104 47.17 -6.13 -5.97
C LEU B 104 46.80 -4.66 -6.15
N VAL B 105 45.89 -4.14 -5.33
CA VAL B 105 45.54 -2.73 -5.44
C VAL B 105 46.76 -1.86 -5.21
N GLU B 106 47.51 -2.14 -4.13
CA GLU B 106 48.71 -1.36 -3.85
C GLU B 106 49.78 -1.58 -4.91
N TYR B 107 49.86 -2.81 -5.44
CA TYR B 107 50.86 -3.10 -6.47
C TYR B 107 50.60 -2.28 -7.73
N VAL B 108 49.35 -2.25 -8.19
CA VAL B 108 49.03 -1.49 -9.38
C VAL B 108 49.00 0.01 -9.11
N SER B 109 48.85 0.42 -7.84
CA SER B 109 48.90 1.84 -7.53
C SER B 109 50.32 2.37 -7.44
N THR B 110 51.28 1.53 -7.03
CA THR B 110 52.65 1.96 -6.87
C THR B 110 53.56 1.54 -8.02
N ASN B 111 53.20 0.50 -8.77
CA ASN B 111 53.99 0.01 -9.89
C ASN B 111 53.27 0.37 -11.19
N ARG B 112 53.75 1.43 -11.84
CA ARG B 112 53.19 1.88 -13.12
C ARG B 112 54.04 1.34 -14.26
N GLY B 113 53.38 1.08 -15.39
CA GLY B 113 54.04 0.58 -16.58
C GLY B 113 54.04 -0.93 -16.71
N VAL B 114 53.61 -1.66 -15.68
CA VAL B 114 53.61 -3.12 -15.77
C VAL B 114 52.45 -3.62 -16.62
N ILE B 115 51.36 -2.84 -16.73
CA ILE B 115 50.22 -3.26 -17.52
C ILE B 115 50.58 -3.18 -19.00
N VAL B 116 50.17 -4.19 -19.75
CA VAL B 116 50.45 -4.26 -21.19
C VAL B 116 49.15 -4.55 -21.94
N GLU B 117 49.26 -4.75 -23.25
CA GLU B 117 48.06 -4.98 -24.06
C GLU B 117 47.34 -6.26 -23.67
N SER B 118 48.08 -7.27 -23.21
CA SER B 118 47.47 -8.55 -22.89
C SER B 118 46.80 -8.53 -21.52
N ALA B 119 47.27 -7.70 -20.59
CA ALA B 119 46.69 -7.66 -19.26
C ALA B 119 45.28 -7.09 -19.26
N TYR B 120 44.98 -6.23 -20.24
CA TYR B 120 43.65 -5.61 -20.30
C TYR B 120 42.57 -6.67 -20.40
N SER B 121 42.74 -7.63 -21.31
CA SER B 121 41.73 -8.67 -21.50
C SER B 121 41.49 -9.43 -20.20
N ASP B 122 42.55 -9.86 -19.53
CA ASP B 122 42.39 -10.65 -18.31
C ASP B 122 41.72 -9.83 -17.21
N ILE B 123 42.14 -8.58 -17.01
CA ILE B 123 41.59 -7.80 -15.91
C ILE B 123 40.13 -7.46 -16.19
N VAL B 124 39.79 -7.15 -17.44
CA VAL B 124 38.40 -6.81 -17.74
C VAL B 124 37.52 -8.05 -17.64
N LYS B 125 38.04 -9.22 -18.04
CA LYS B 125 37.27 -10.45 -17.87
C LYS B 125 37.03 -10.74 -16.39
N MET B 126 38.05 -10.55 -15.56
CA MET B 126 37.89 -10.77 -14.13
C MET B 126 36.86 -9.81 -13.54
N ILE B 127 36.96 -8.53 -13.90
CA ILE B 127 36.01 -7.55 -13.38
C ILE B 127 34.59 -7.91 -13.80
N SER B 128 34.41 -8.29 -15.07
CA SER B 128 33.08 -8.67 -15.55
C SER B 128 32.55 -9.86 -14.77
N ALA B 129 33.36 -10.92 -14.65
CA ALA B 129 32.92 -12.10 -13.91
C ALA B 129 32.65 -11.79 -12.45
N ASN B 130 33.26 -10.74 -11.90
CA ASN B 130 33.10 -10.42 -10.49
C ASN B 130 31.86 -9.57 -10.20
N ILE B 131 31.71 -8.45 -10.91
CA ILE B 131 30.69 -7.47 -10.50
C ILE B 131 29.37 -7.66 -11.26
N PHE B 132 29.41 -8.16 -12.49
CA PHE B 132 28.20 -8.27 -13.31
C PHE B 132 27.26 -9.29 -12.71
N ARG B 133 26.24 -8.82 -12.00
CA ARG B 133 25.19 -9.70 -11.48
C ARG B 133 24.05 -8.87 -10.90
N THR B 134 22.82 -9.14 -11.33
CA THR B 134 21.66 -8.42 -10.81
C THR B 134 21.40 -8.83 -9.37
N LEU B 135 20.86 -7.89 -8.60
CA LEU B 135 20.59 -8.16 -7.19
C LEU B 135 19.47 -9.18 -7.05
N PRO B 136 19.51 -10.02 -6.01
CA PRO B 136 18.42 -10.98 -5.81
C PRO B 136 17.14 -10.28 -5.41
N PRO B 137 16.05 -11.01 -5.21
CA PRO B 137 14.79 -10.37 -4.80
C PRO B 137 14.96 -9.60 -3.51
N SER B 138 14.76 -8.29 -3.59
CA SER B 138 14.90 -7.40 -2.44
C SER B 138 13.54 -7.03 -1.88
N ASP B 139 13.44 -7.02 -0.56
CA ASP B 139 12.20 -6.69 0.12
C ASP B 139 12.18 -5.21 0.45
N ASN B 140 11.04 -4.56 0.18
CA ASN B 140 10.85 -3.13 0.44
C ASN B 140 9.44 -2.91 0.94
N PRO B 141 9.16 -3.29 2.20
CA PRO B 141 7.80 -3.09 2.72
C PRO B 141 7.41 -1.62 2.83
N ASP B 142 8.31 -0.76 3.32
CA ASP B 142 8.04 0.66 3.46
C ASP B 142 8.76 1.44 2.37
N PHE B 143 8.09 2.47 1.86
CA PHE B 143 8.67 3.29 0.80
C PHE B 143 9.61 4.36 1.33
N ASP B 144 9.51 4.71 2.60
CA ASP B 144 10.37 5.76 3.14
C ASP B 144 11.80 5.25 3.26
N PRO B 145 12.80 6.00 2.82
CA PRO B 145 14.19 5.56 2.96
C PRO B 145 14.82 5.83 4.32
N GLU B 146 14.04 6.31 5.29
CA GLU B 146 14.58 6.60 6.61
C GLU B 146 15.15 5.37 7.30
N GLU B 147 14.81 4.17 6.81
CA GLU B 147 15.35 2.95 7.43
C GLU B 147 16.82 2.76 7.06
N ASP B 148 17.13 2.82 5.77
CA ASP B 148 18.50 2.72 5.27
C ASP B 148 19.23 1.53 5.90
N GLU B 149 18.67 0.35 5.68
CA GLU B 149 19.24 -0.91 6.19
C GLU B 149 19.58 -1.81 5.02
N PRO B 150 20.83 -1.83 4.54
CA PRO B 150 21.18 -2.70 3.42
C PRO B 150 21.28 -4.16 3.81
N THR B 151 20.13 -4.81 4.01
CA THR B 151 20.12 -6.21 4.42
C THR B 151 20.49 -7.15 3.28
N LEU B 152 20.14 -6.80 2.04
CA LEU B 152 20.42 -7.67 0.92
C LEU B 152 21.90 -7.70 0.58
N GLU B 153 22.60 -6.58 0.76
CA GLU B 153 24.02 -6.49 0.47
C GLU B 153 24.83 -6.91 1.69
N ALA B 154 25.68 -7.91 1.53
CA ALA B 154 26.54 -8.39 2.61
C ALA B 154 27.99 -8.61 2.20
N SER B 155 28.30 -8.62 0.91
CA SER B 155 29.67 -8.77 0.42
C SER B 155 30.32 -7.44 0.10
N TRP B 156 29.83 -6.34 0.68
CA TRP B 156 30.41 -5.03 0.38
C TRP B 156 31.90 -4.97 0.68
N PRO B 157 32.41 -5.48 1.79
CA PRO B 157 33.86 -5.40 2.05
C PRO B 157 34.70 -6.09 0.99
N HIS B 158 34.13 -7.04 0.25
CA HIS B 158 34.88 -7.75 -0.78
C HIS B 158 34.83 -7.00 -2.11
N ILE B 159 33.63 -6.65 -2.59
CA ILE B 159 33.51 -5.91 -3.84
C ILE B 159 34.13 -4.53 -3.73
N GLN B 160 34.29 -4.00 -2.51
CA GLN B 160 34.98 -2.72 -2.35
C GLN B 160 36.37 -2.78 -2.94
N LEU B 161 37.07 -3.90 -2.77
CA LEU B 161 38.44 -4.02 -3.24
C LEU B 161 38.49 -3.97 -4.77
N VAL B 162 37.61 -4.73 -5.44
CA VAL B 162 37.62 -4.72 -6.89
C VAL B 162 37.15 -3.36 -7.42
N TYR B 163 36.23 -2.70 -6.72
CA TYR B 163 35.81 -1.36 -7.14
C TYR B 163 36.97 -0.39 -7.06
N GLU B 164 37.72 -0.41 -5.96
CA GLU B 164 38.88 0.46 -5.83
C GLU B 164 39.93 0.12 -6.88
N PHE B 165 40.11 -1.17 -7.18
CA PHE B 165 41.06 -1.59 -8.21
C PHE B 165 40.68 -1.00 -9.56
N PHE B 166 39.40 -1.12 -9.95
CA PHE B 166 38.96 -0.59 -11.22
C PHE B 166 39.08 0.93 -11.26
N LEU B 167 38.75 1.59 -10.15
CA LEU B 167 38.85 3.05 -10.10
C LEU B 167 40.30 3.50 -10.27
N ARG B 168 41.23 2.81 -9.61
CA ARG B 168 42.64 3.17 -9.72
C ARG B 168 43.17 2.87 -11.13
N PHE B 169 42.69 1.79 -11.75
CA PHE B 169 43.12 1.47 -13.10
C PHE B 169 42.62 2.52 -14.09
N LEU B 170 41.38 3.00 -13.89
CA LEU B 170 40.86 4.05 -14.78
C LEU B 170 41.57 5.37 -14.54
N GLU B 171 41.96 5.66 -13.30
CA GLU B 171 42.64 6.90 -12.96
C GLU B 171 44.11 6.88 -13.34
N SER B 172 44.61 5.80 -13.93
CA SER B 172 46.01 5.72 -14.30
C SER B 172 46.32 6.74 -15.40
N PRO B 173 47.34 7.58 -15.24
CA PRO B 173 47.63 8.55 -16.31
C PRO B 173 47.96 7.91 -17.65
N ASP B 174 48.58 6.73 -17.64
CA ASP B 174 48.96 6.04 -18.87
C ASP B 174 47.88 5.07 -19.36
N PHE B 175 46.63 5.34 -19.04
CA PHE B 175 45.54 4.48 -19.51
C PHE B 175 45.47 4.50 -21.03
N GLN B 176 45.08 3.35 -21.60
CA GLN B 176 44.98 3.17 -23.06
C GLN B 176 43.53 2.89 -23.41
N PRO B 177 42.72 3.91 -23.65
CA PRO B 177 41.31 3.65 -24.01
C PRO B 177 41.17 2.87 -25.31
N SER B 178 42.08 3.06 -26.26
CA SER B 178 41.97 2.35 -27.53
C SER B 178 42.10 0.84 -27.34
N ILE B 179 43.04 0.41 -26.49
CA ILE B 179 43.23 -1.02 -26.26
C ILE B 179 42.05 -1.60 -25.49
N ALA B 180 41.54 -0.85 -24.50
CA ALA B 180 40.41 -1.33 -23.71
C ALA B 180 39.11 -1.35 -24.50
N LYS B 181 39.01 -0.54 -25.57
CA LYS B 181 37.79 -0.52 -26.37
C LYS B 181 37.53 -1.85 -27.05
N ARG B 182 38.57 -2.66 -27.27
CA ARG B 182 38.37 -3.95 -27.91
C ARG B 182 37.44 -4.85 -27.09
N TYR B 183 37.42 -4.66 -25.77
CA TYR B 183 36.56 -5.43 -24.88
C TYR B 183 35.43 -4.61 -24.27
N ILE B 184 35.65 -3.33 -23.99
CA ILE B 184 34.61 -2.46 -23.47
C ILE B 184 33.67 -2.11 -24.62
N ASP B 185 32.47 -2.69 -24.61
CA ASP B 185 31.48 -2.49 -25.66
C ASP B 185 30.14 -2.16 -25.02
N GLN B 186 29.13 -1.97 -25.88
CA GLN B 186 27.81 -1.58 -25.39
C GLN B 186 27.28 -2.58 -24.37
N LYS B 187 27.52 -3.87 -24.57
CA LYS B 187 27.04 -4.87 -23.63
C LYS B 187 27.73 -4.71 -22.28
N PHE B 188 29.01 -4.34 -22.29
CA PHE B 188 29.71 -4.09 -21.04
C PHE B 188 29.12 -2.89 -20.30
N VAL B 189 28.82 -1.82 -21.04
CA VAL B 189 28.20 -0.65 -20.42
C VAL B 189 26.84 -1.01 -19.84
N GLN B 190 26.09 -1.86 -20.54
CA GLN B 190 24.78 -2.29 -20.05
C GLN B 190 24.93 -3.10 -18.77
N GLN B 191 25.87 -4.06 -18.76
CA GLN B 191 26.09 -4.88 -17.58
C GLN B 191 26.64 -4.08 -16.41
N LEU B 192 27.30 -2.95 -16.69
CA LEU B 192 27.78 -2.09 -15.61
C LEU B 192 26.69 -1.15 -15.09
N LEU B 193 25.78 -0.71 -15.96
CA LEU B 193 24.74 0.21 -15.53
C LEU B 193 23.62 -0.50 -14.78
N GLU B 194 23.38 -1.78 -15.07
CA GLU B 194 22.34 -2.51 -14.37
C GLU B 194 22.62 -2.65 -12.89
N LEU B 195 23.87 -2.46 -12.46
CA LEU B 195 24.24 -2.55 -11.06
C LEU B 195 23.84 -1.30 -10.27
N PHE B 196 23.40 -0.24 -10.95
CA PHE B 196 23.01 0.99 -10.26
C PHE B 196 21.79 0.79 -9.38
N ASP B 197 21.09 -0.33 -9.49
CA ASP B 197 19.92 -0.61 -8.66
C ASP B 197 20.30 -1.17 -7.29
N SER B 198 21.59 -1.13 -6.93
CA SER B 198 22.01 -1.64 -5.63
C SER B 198 21.25 -0.95 -4.50
N GLU B 199 20.83 -1.74 -3.52
CA GLU B 199 20.06 -1.20 -2.41
C GLU B 199 20.88 -0.26 -1.54
N ASP B 200 22.18 -0.52 -1.41
CA ASP B 200 23.01 0.30 -0.54
C ASP B 200 23.65 1.45 -1.33
N PRO B 201 23.78 2.64 -0.73
CA PRO B 201 24.42 3.74 -1.47
C PRO B 201 25.93 3.62 -1.54
N ARG B 202 26.55 2.81 -0.68
CA ARG B 202 28.00 2.61 -0.74
C ARG B 202 28.42 2.05 -2.09
N GLU B 203 27.54 1.32 -2.76
CA GLU B 203 27.80 0.83 -4.11
C GLU B 203 27.38 1.85 -5.17
N ARG B 204 26.28 2.56 -4.92
CA ARG B 204 25.77 3.50 -5.93
C ARG B 204 26.72 4.67 -6.14
N ASP B 205 27.30 5.21 -5.06
CA ASP B 205 28.22 6.32 -5.21
C ASP B 205 29.49 5.89 -5.93
N PHE B 206 30.01 4.69 -5.64
CA PHE B 206 31.18 4.20 -6.34
C PHE B 206 30.88 3.93 -7.81
N LEU B 207 29.68 3.43 -8.10
CA LEU B 207 29.29 3.24 -9.50
C LEU B 207 29.19 4.58 -10.22
N LYS B 208 28.67 5.61 -9.54
CA LYS B 208 28.63 6.94 -10.13
C LYS B 208 30.04 7.45 -10.41
N THR B 209 30.96 7.24 -9.48
CA THR B 209 32.34 7.67 -9.70
C THR B 209 32.97 6.94 -10.89
N VAL B 210 32.75 5.63 -10.97
CA VAL B 210 33.30 4.85 -12.08
C VAL B 210 32.70 5.32 -13.40
N LEU B 211 31.41 5.65 -13.40
CA LEU B 211 30.76 6.14 -14.60
C LEU B 211 31.34 7.48 -15.03
N HIS B 212 31.53 8.39 -14.07
CA HIS B 212 32.16 9.67 -14.38
C HIS B 212 33.54 9.46 -14.98
N ARG B 213 34.33 8.55 -14.40
CA ARG B 213 35.67 8.31 -14.91
C ARG B 213 35.64 7.75 -16.32
N ILE B 214 34.79 6.75 -16.56
CA ILE B 214 34.75 6.12 -17.88
C ILE B 214 34.18 7.09 -18.91
N TYR B 215 33.32 8.02 -18.49
CA TYR B 215 32.82 9.03 -19.42
C TYR B 215 33.90 10.05 -19.75
N GLY B 216 34.70 10.44 -18.75
CA GLY B 216 35.81 11.34 -19.01
C GLY B 216 36.89 10.72 -19.87
N LYS B 217 37.07 9.41 -19.77
CA LYS B 217 38.08 8.70 -20.56
C LYS B 217 37.53 8.25 -21.91
N PHE B 218 36.34 7.66 -21.93
CA PHE B 218 35.73 7.16 -23.16
C PHE B 218 34.65 8.17 -23.58
N LEU B 219 35.04 9.12 -24.41
CA LEU B 219 34.11 10.12 -24.91
C LEU B 219 33.34 9.65 -26.13
N GLY B 220 33.78 8.58 -26.80
CA GLY B 220 33.10 8.09 -27.97
C GLY B 220 31.77 7.42 -27.67
N LEU B 221 31.55 7.01 -26.42
CA LEU B 221 30.32 6.34 -26.02
C LEU B 221 29.38 7.28 -25.27
N ARG B 222 29.56 8.59 -25.40
CA ARG B 222 28.69 9.53 -24.70
C ARG B 222 27.25 9.43 -25.22
N ALA B 223 27.08 9.20 -26.52
CA ALA B 223 25.74 9.09 -27.08
C ALA B 223 25.02 7.87 -26.52
N PHE B 224 25.70 6.74 -26.45
CA PHE B 224 25.08 5.53 -25.91
C PHE B 224 24.73 5.71 -24.43
N ILE B 225 25.62 6.36 -23.67
CA ILE B 225 25.34 6.60 -22.26
C ILE B 225 24.12 7.50 -22.11
N ARG B 226 24.04 8.55 -22.93
CA ARG B 226 22.89 9.45 -22.86
C ARG B 226 21.60 8.71 -23.23
N LYS B 227 21.66 7.85 -24.24
CA LYS B 227 20.47 7.09 -24.64
C LYS B 227 20.04 6.15 -23.53
N GLN B 228 21.00 5.48 -22.88
CA GLN B 228 20.67 4.59 -21.77
C GLN B 228 20.05 5.37 -20.62
N ILE B 229 20.60 6.55 -20.31
CA ILE B 229 20.05 7.37 -19.24
C ILE B 229 18.64 7.81 -19.58
N ASN B 230 18.40 8.18 -20.84
CA ASN B 230 17.05 8.58 -21.25
C ASN B 230 16.07 7.43 -21.11
N ASN B 231 16.47 6.23 -21.54
CA ASN B 231 15.60 5.07 -21.40
C ASN B 231 15.30 4.78 -19.93
N ILE B 232 16.33 4.84 -19.09
CA ILE B 232 16.14 4.57 -17.67
C ILE B 232 15.19 5.58 -17.04
N PHE B 233 15.35 6.86 -17.40
CA PHE B 233 14.49 7.90 -16.84
C PHE B 233 13.05 7.73 -17.33
N LEU B 234 12.88 7.37 -18.61
CA LEU B 234 11.53 7.15 -19.12
C LEU B 234 10.86 5.98 -18.41
N ARG B 235 11.61 4.89 -18.20
CA ARG B 235 11.05 3.75 -17.47
C ARG B 235 10.70 4.14 -16.04
N PHE B 236 11.57 4.93 -15.39
CA PHE B 236 11.33 5.34 -14.02
C PHE B 236 10.13 6.27 -13.91
N ILE B 237 9.86 7.06 -14.95
CA ILE B 237 8.76 8.00 -14.90
C ILE B 237 7.42 7.28 -14.99
N TYR B 238 7.23 6.49 -16.05
CA TYR B 238 5.93 5.93 -16.39
C TYR B 238 5.73 4.52 -15.85
N GLU B 239 6.62 3.59 -16.17
CA GLU B 239 6.39 2.19 -15.83
C GLU B 239 6.33 1.96 -14.33
N THR B 240 7.42 2.27 -13.62
CA THR B 240 7.47 2.04 -12.18
C THR B 240 8.57 2.90 -11.59
N GLU B 241 8.46 3.13 -10.27
CA GLU B 241 9.40 3.96 -9.52
C GLU B 241 10.35 3.12 -8.67
N HIS B 242 10.66 1.90 -9.11
CA HIS B 242 11.50 1.01 -8.32
C HIS B 242 12.99 1.37 -8.40
N PHE B 243 13.41 2.10 -9.43
CA PHE B 243 14.81 2.48 -9.55
C PHE B 243 15.19 3.42 -8.42
N ASN B 244 16.14 3.00 -7.58
CA ASN B 244 16.58 3.79 -6.44
C ASN B 244 17.86 4.57 -6.70
N GLY B 245 18.58 4.26 -7.78
CA GLY B 245 19.81 4.96 -8.09
C GLY B 245 19.59 6.13 -9.02
N VAL B 246 18.44 6.78 -8.90
CA VAL B 246 18.15 7.92 -9.78
C VAL B 246 18.89 9.16 -9.32
N ALA B 247 19.12 9.32 -8.02
CA ALA B 247 19.82 10.51 -7.52
C ALA B 247 21.29 10.49 -7.92
N GLU B 248 21.94 9.32 -7.82
CA GLU B 248 23.33 9.21 -8.19
C GLU B 248 23.57 9.43 -9.67
N LEU B 249 22.54 9.25 -10.50
CA LEU B 249 22.63 9.57 -11.92
C LEU B 249 22.31 11.04 -12.18
N LEU B 250 21.31 11.57 -11.48
CA LEU B 250 20.92 12.97 -11.68
C LEU B 250 22.05 13.92 -11.26
N GLU B 251 22.75 13.59 -10.17
CA GLU B 251 23.83 14.46 -9.72
C GLU B 251 24.99 14.46 -10.71
N ILE B 252 25.39 13.28 -11.20
CA ILE B 252 26.47 13.22 -12.18
C ILE B 252 26.05 13.90 -13.47
N LEU B 253 24.76 13.82 -13.83
CA LEU B 253 24.29 14.50 -15.03
C LEU B 253 24.37 16.02 -14.86
N GLY B 254 23.88 16.53 -13.73
CA GLY B 254 23.98 17.95 -13.47
C GLY B 254 25.41 18.44 -13.39
N SER B 255 26.34 17.56 -12.97
CA SER B 255 27.74 17.94 -12.89
C SER B 255 28.41 17.94 -14.26
N ILE B 256 28.04 16.99 -15.13
CA ILE B 256 28.69 16.91 -16.43
C ILE B 256 28.09 17.93 -17.40
N ILE B 257 26.83 18.34 -17.19
CA ILE B 257 26.23 19.33 -18.06
C ILE B 257 26.95 20.66 -17.95
N ASN B 258 27.64 20.92 -16.84
CA ASN B 258 28.39 22.16 -16.70
C ASN B 258 29.48 22.31 -17.76
N GLY B 259 29.89 21.21 -18.38
CA GLY B 259 30.92 21.24 -19.40
C GLY B 259 30.50 21.76 -20.74
N PHE B 260 29.30 22.31 -20.86
CA PHE B 260 28.83 22.88 -22.13
C PHE B 260 29.64 24.12 -22.46
N ALA B 261 30.41 24.06 -23.54
CA ALA B 261 31.20 25.18 -24.00
C ALA B 261 30.90 25.56 -25.45
N LEU B 262 30.02 24.82 -26.12
CA LEU B 262 29.63 25.06 -27.50
C LEU B 262 28.19 25.52 -27.56
N PRO B 263 27.75 26.03 -28.72
CA PRO B 263 26.35 26.46 -28.86
C PRO B 263 25.40 25.32 -28.54
N LEU B 264 24.27 25.66 -27.91
CA LEU B 264 23.30 24.66 -27.50
C LEU B 264 22.73 23.95 -28.72
N LYS B 265 22.88 22.63 -28.75
CA LYS B 265 22.36 21.83 -29.84
C LYS B 265 20.85 21.59 -29.66
N ALA B 266 20.18 21.29 -30.77
CA ALA B 266 18.74 21.06 -30.73
C ALA B 266 18.40 19.88 -29.83
N GLU B 267 19.10 18.75 -30.01
CA GLU B 267 18.84 17.58 -29.18
C GLU B 267 19.16 17.86 -27.71
N HIS B 268 20.24 18.61 -27.46
CA HIS B 268 20.63 18.90 -26.09
C HIS B 268 19.56 19.72 -25.37
N LYS B 269 18.97 20.70 -26.06
CA LYS B 269 17.94 21.52 -25.44
C LYS B 269 16.60 20.82 -25.39
N GLN B 270 16.37 19.87 -26.30
CA GLN B 270 15.11 19.12 -26.28
C GLN B 270 15.09 18.06 -25.19
N PHE B 271 16.24 17.44 -24.92
CA PHE B 271 16.31 16.43 -23.87
C PHE B 271 15.92 17.01 -22.52
N LEU B 272 16.34 18.25 -22.25
CA LEU B 272 15.97 18.92 -21.01
C LEU B 272 14.45 18.91 -20.82
N MET B 273 13.74 19.44 -21.82
CA MET B 273 12.28 19.56 -21.70
C MET B 273 11.59 18.21 -21.76
N LYS B 274 12.20 17.22 -22.43
CA LYS B 274 11.53 15.95 -22.64
C LYS B 274 11.83 14.90 -21.58
N VAL B 275 12.82 15.12 -20.71
CA VAL B 275 13.21 14.13 -19.72
C VAL B 275 13.27 14.76 -18.34
N LEU B 276 14.09 15.80 -18.19
CA LEU B 276 14.33 16.36 -16.86
C LEU B 276 13.06 17.01 -16.29
N ILE B 277 12.33 17.75 -17.12
CA ILE B 277 11.14 18.45 -16.65
C ILE B 277 10.06 17.44 -16.26
N PRO B 278 9.68 16.49 -17.12
CA PRO B 278 8.63 15.54 -16.74
C PRO B 278 8.98 14.68 -15.53
N MET B 279 10.24 14.68 -15.09
CA MET B 279 10.62 13.90 -13.92
C MET B 279 10.21 14.54 -12.60
N HIS B 280 9.67 15.77 -12.63
CA HIS B 280 9.26 16.43 -11.40
C HIS B 280 8.01 15.83 -10.80
N THR B 281 7.26 15.04 -11.57
CA THR B 281 6.01 14.45 -11.10
C THR B 281 6.21 13.13 -10.37
N ALA B 282 7.45 12.74 -10.11
CA ALA B 282 7.71 11.49 -9.41
C ALA B 282 7.23 11.57 -7.96
N LYS B 283 6.92 10.40 -7.39
CA LYS B 283 6.46 10.35 -6.01
C LYS B 283 7.60 10.64 -5.04
N GLY B 284 8.74 9.98 -5.23
CA GLY B 284 9.88 10.16 -4.36
C GLY B 284 10.76 11.31 -4.78
N LEU B 285 10.16 12.44 -5.15
CA LEU B 285 10.94 13.60 -5.56
C LEU B 285 11.76 14.16 -4.41
N ALA B 286 11.30 13.95 -3.16
CA ALA B 286 12.03 14.47 -2.02
C ALA B 286 13.41 13.83 -1.86
N LEU B 287 13.65 12.69 -2.51
CA LEU B 287 14.94 12.02 -2.42
C LEU B 287 16.00 12.65 -3.31
N PHE B 288 15.59 13.37 -4.36
CA PHE B 288 16.55 13.91 -5.32
C PHE B 288 16.04 15.23 -5.89
N HIS B 289 15.37 16.03 -5.05
CA HIS B 289 14.85 17.31 -5.54
C HIS B 289 15.97 18.32 -5.71
N ALA B 290 16.93 18.36 -4.78
CA ALA B 290 18.02 19.32 -4.89
C ALA B 290 18.86 19.07 -6.14
N GLN B 291 19.19 17.80 -6.41
CA GLN B 291 20.01 17.48 -7.58
C GLN B 291 19.26 17.83 -8.87
N LEU B 292 17.96 17.51 -8.93
CA LEU B 292 17.19 17.83 -10.13
C LEU B 292 17.10 19.33 -10.33
N ALA B 293 16.86 20.09 -9.26
CA ALA B 293 16.80 21.54 -9.38
C ALA B 293 18.14 22.11 -9.83
N TYR B 294 19.24 21.56 -9.31
CA TYR B 294 20.56 22.03 -9.74
C TYR B 294 20.78 21.74 -11.22
N CYS B 295 20.46 20.52 -11.66
CA CYS B 295 20.63 20.19 -13.07
C CYS B 295 19.74 21.04 -13.96
N VAL B 296 18.56 21.42 -13.48
CA VAL B 296 17.66 22.25 -14.29
C VAL B 296 18.18 23.67 -14.39
N VAL B 297 18.57 24.26 -13.25
CA VAL B 297 19.07 25.63 -13.27
C VAL B 297 20.42 25.72 -13.97
N GLN B 298 21.14 24.61 -14.09
CA GLN B 298 22.41 24.64 -14.82
C GLN B 298 22.20 24.98 -16.28
N PHE B 299 21.02 24.69 -16.82
CA PHE B 299 20.73 25.00 -18.22
C PHE B 299 20.42 26.48 -18.42
N LEU B 300 19.90 27.15 -17.38
CA LEU B 300 19.51 28.55 -17.53
C LEU B 300 20.72 29.46 -17.59
N GLU B 301 21.75 29.18 -16.78
CA GLU B 301 22.94 30.01 -16.79
C GLU B 301 23.73 29.89 -18.08
N LYS B 302 23.41 28.91 -18.93
CA LYS B 302 24.05 28.77 -20.24
C LYS B 302 23.24 29.40 -21.36
N ASP B 303 21.91 29.39 -21.24
CA ASP B 303 21.04 30.00 -22.24
C ASP B 303 19.79 30.48 -21.54
N THR B 304 19.61 31.79 -21.43
CA THR B 304 18.47 32.37 -20.72
C THR B 304 17.20 32.38 -21.56
N THR B 305 17.25 31.94 -22.81
CA THR B 305 16.07 31.94 -23.65
C THR B 305 15.16 30.74 -23.40
N LEU B 306 15.68 29.68 -22.80
CA LEU B 306 14.89 28.47 -22.53
C LEU B 306 14.33 28.45 -21.12
N THR B 307 14.20 29.62 -20.47
CA THR B 307 13.67 29.66 -19.12
C THR B 307 12.14 29.66 -19.11
N GLU B 308 11.51 30.31 -20.09
CA GLU B 308 10.04 30.36 -20.10
C GLU B 308 9.43 28.98 -20.33
N PRO B 309 9.91 28.17 -21.28
CA PRO B 309 9.34 26.82 -21.41
C PRO B 309 9.53 25.97 -20.17
N VAL B 310 10.70 26.06 -19.53
CA VAL B 310 10.95 25.27 -18.32
C VAL B 310 9.99 25.69 -17.22
N ILE B 311 9.81 27.00 -17.04
CA ILE B 311 8.93 27.48 -15.98
C ILE B 311 7.49 27.10 -16.28
N ARG B 312 7.08 27.17 -17.56
CA ARG B 312 5.73 26.76 -17.91
C ARG B 312 5.50 25.29 -17.64
N GLY B 313 6.49 24.45 -17.98
CA GLY B 313 6.37 23.04 -17.68
C GLY B 313 6.29 22.76 -16.19
N LEU B 314 7.09 23.48 -15.40
CA LEU B 314 7.01 23.32 -13.95
C LEU B 314 5.67 23.79 -13.41
N LEU B 315 5.06 24.80 -14.04
CA LEU B 315 3.78 25.30 -13.56
C LEU B 315 2.65 24.34 -13.90
N LYS B 316 2.64 23.82 -15.14
CA LYS B 316 1.57 22.91 -15.55
C LYS B 316 1.69 21.54 -14.89
N PHE B 317 2.83 21.23 -14.28
CA PHE B 317 3.03 19.99 -13.53
C PHE B 317 3.05 20.26 -12.04
N TRP B 318 2.23 21.20 -11.58
CA TRP B 318 2.23 21.56 -10.17
C TRP B 318 1.60 20.46 -9.34
N PRO B 319 2.27 19.95 -8.31
CA PRO B 319 1.66 18.90 -7.47
C PRO B 319 0.70 19.48 -6.42
N LYS B 320 -0.53 19.76 -6.86
CA LYS B 320 -1.53 20.31 -5.97
C LYS B 320 -2.07 19.30 -4.98
N THR B 321 -1.67 18.03 -5.07
CA THR B 321 -2.15 16.99 -4.18
C THR B 321 -1.19 16.68 -3.04
N CYS B 322 -0.02 17.32 -3.03
CA CYS B 322 0.98 17.07 -1.99
C CYS B 322 1.67 18.39 -1.65
N SER B 323 1.42 18.91 -0.44
CA SER B 323 2.06 20.15 -0.04
C SER B 323 3.55 19.97 0.19
N GLN B 324 3.98 18.77 0.58
CA GLN B 324 5.41 18.51 0.75
C GLN B 324 6.15 18.71 -0.57
N LYS B 325 5.51 18.35 -1.69
CA LYS B 325 6.11 18.61 -2.99
C LYS B 325 5.89 20.05 -3.43
N GLU B 326 4.82 20.70 -2.95
CA GLU B 326 4.59 22.10 -3.28
C GLU B 326 5.68 22.98 -2.69
N VAL B 327 6.13 22.68 -1.46
CA VAL B 327 7.20 23.45 -0.85
C VAL B 327 8.48 23.30 -1.67
N MET B 328 8.77 22.08 -2.12
CA MET B 328 9.96 21.86 -2.93
C MET B 328 9.86 22.58 -4.27
N PHE B 329 8.67 22.59 -4.87
CA PHE B 329 8.46 23.33 -6.11
C PHE B 329 8.70 24.82 -5.91
N LEU B 330 8.19 25.36 -4.81
CA LEU B 330 8.41 26.78 -4.51
C LEU B 330 9.90 27.06 -4.30
N GLY B 331 10.60 26.15 -3.63
CA GLY B 331 12.03 26.32 -3.44
C GLY B 331 12.79 26.32 -4.76
N GLU B 332 12.46 25.36 -5.63
CA GLU B 332 13.10 25.32 -6.95
C GLU B 332 12.80 26.59 -7.74
N ILE B 333 11.56 27.08 -7.66
CA ILE B 333 11.20 28.32 -8.35
C ILE B 333 12.05 29.46 -7.84
N GLU B 334 12.11 29.64 -6.52
CA GLU B 334 12.93 30.68 -5.94
C GLU B 334 14.39 30.57 -6.39
N GLU B 335 14.89 29.33 -6.49
CA GLU B 335 16.26 29.13 -6.95
C GLU B 335 16.42 29.43 -8.43
N ILE B 336 15.35 29.38 -9.21
CA ILE B 336 15.44 29.62 -10.64
C ILE B 336 15.28 31.10 -10.98
N LEU B 337 14.45 31.85 -10.24
CA LEU B 337 14.20 33.24 -10.57
C LEU B 337 15.42 34.14 -10.41
N ASP B 338 16.48 33.65 -9.77
CA ASP B 338 17.69 34.45 -9.62
C ASP B 338 18.50 34.54 -10.91
N VAL B 339 18.10 33.83 -11.96
CA VAL B 339 18.78 33.90 -13.25
C VAL B 339 17.94 34.61 -14.30
N ILE B 340 16.60 34.47 -14.26
CA ILE B 340 15.77 35.07 -15.29
C ILE B 340 15.90 36.59 -15.26
N GLU B 341 15.77 37.20 -16.43
CA GLU B 341 15.83 38.64 -16.58
C GLU B 341 14.44 39.24 -16.53
N PRO B 342 14.33 40.56 -16.26
CA PRO B 342 12.99 41.17 -16.21
C PRO B 342 12.27 41.12 -17.55
N THR B 343 12.97 41.38 -18.66
CA THR B 343 12.34 41.30 -19.97
C THR B 343 11.79 39.91 -20.23
N GLN B 344 12.50 38.88 -19.76
CA GLN B 344 12.01 37.51 -19.86
C GLN B 344 11.08 37.12 -18.72
N PHE B 345 11.15 37.83 -17.60
CA PHE B 345 10.26 37.53 -16.48
C PHE B 345 8.85 38.02 -16.74
N LYS B 346 8.70 39.14 -17.45
CA LYS B 346 7.37 39.69 -17.72
C LYS B 346 6.49 38.70 -18.49
N LYS B 347 7.09 37.77 -19.22
CA LYS B 347 6.29 36.81 -19.98
C LYS B 347 5.55 35.82 -19.08
N ILE B 348 6.01 35.62 -17.85
CA ILE B 348 5.37 34.74 -16.89
C ILE B 348 4.94 35.47 -15.63
N GLU B 349 5.15 36.79 -15.55
CA GLU B 349 4.76 37.54 -14.37
C GLU B 349 3.31 37.27 -13.99
N GLU B 350 2.37 37.50 -14.91
CA GLU B 350 0.96 37.42 -14.56
C GLU B 350 0.54 36.03 -14.15
N PRO B 351 0.77 34.96 -14.93
CA PRO B 351 0.33 33.63 -14.49
C PRO B 351 1.07 33.15 -13.25
N LEU B 352 2.38 33.39 -13.17
CA LEU B 352 3.14 32.97 -12.00
C LEU B 352 2.60 33.60 -10.74
N PHE B 353 2.32 34.91 -10.78
CA PHE B 353 1.82 35.59 -9.58
C PHE B 353 0.39 35.19 -9.28
N LYS B 354 -0.43 34.97 -10.31
CA LYS B 354 -1.79 34.49 -10.08
C LYS B 354 -1.78 33.12 -9.43
N GLN B 355 -0.79 32.28 -9.76
CA GLN B 355 -0.68 30.97 -9.12
C GLN B 355 -0.14 31.10 -7.70
N ILE B 356 0.83 31.99 -7.49
CA ILE B 356 1.39 32.19 -6.16
C ILE B 356 0.34 32.74 -5.21
N SER B 357 -0.60 33.53 -5.73
CA SER B 357 -1.70 34.02 -4.89
C SER B 357 -2.47 32.85 -4.27
N LYS B 358 -2.92 31.91 -5.10
CA LYS B 358 -3.64 30.76 -4.59
C LYS B 358 -2.75 29.91 -3.70
N CYS B 359 -1.47 29.77 -4.06
CA CYS B 359 -0.55 28.99 -3.23
C CYS B 359 -0.44 29.57 -1.83
N VAL B 360 -0.42 30.90 -1.72
CA VAL B 360 -0.34 31.54 -0.42
C VAL B 360 -1.69 31.45 0.30
N SER B 361 -2.79 31.48 -0.45
CA SER B 361 -4.11 31.35 0.16
C SER B 361 -4.32 29.97 0.80
N SER B 362 -3.47 29.00 0.51
CA SER B 362 -3.63 27.67 1.09
C SER B 362 -3.52 27.72 2.60
N SER B 363 -4.34 26.92 3.27
CA SER B 363 -4.37 26.87 4.74
C SER B 363 -3.36 25.84 5.25
N HIS B 364 -2.09 26.09 4.97
CA HIS B 364 -1.00 25.21 5.36
C HIS B 364 0.23 26.07 5.64
N PHE B 365 0.89 25.81 6.77
CA PHE B 365 1.83 26.80 7.30
C PHE B 365 3.16 26.80 6.58
N GLN B 366 3.76 25.64 6.33
CA GLN B 366 5.10 25.62 5.75
C GLN B 366 5.09 26.12 4.31
N VAL B 367 4.08 25.72 3.52
CA VAL B 367 4.01 26.21 2.15
C VAL B 367 3.82 27.72 2.13
N ALA B 368 2.99 28.24 3.04
CA ALA B 368 2.75 29.67 3.08
C ALA B 368 4.00 30.43 3.48
N GLU B 369 4.71 29.96 4.51
CA GLU B 369 5.92 30.64 4.94
C GLU B 369 7.03 30.53 3.90
N ARG B 370 7.07 29.44 3.14
CA ARG B 370 8.06 29.33 2.06
C ARG B 370 7.73 30.27 0.91
N ALA B 371 6.43 30.42 0.60
CA ALA B 371 6.04 31.34 -0.46
C ALA B 371 6.23 32.79 -0.03
N LEU B 372 6.15 33.07 1.27
CA LEU B 372 6.32 34.43 1.76
C LEU B 372 7.80 34.81 1.93
N TYR B 373 8.68 33.83 2.09
CA TYR B 373 10.11 34.12 2.20
C TYR B 373 10.68 34.75 0.93
N PHE B 374 9.94 34.72 -0.18
CA PHE B 374 10.43 35.32 -1.42
C PHE B 374 10.84 36.77 -1.23
N TRP B 375 10.35 37.43 -0.18
CA TRP B 375 10.71 38.82 0.12
C TRP B 375 12.00 38.93 0.91
N ASN B 376 12.90 37.96 0.79
CA ASN B 376 14.18 37.98 1.47
C ASN B 376 15.37 37.90 0.51
N ASN B 377 15.12 37.97 -0.79
CA ASN B 377 16.18 37.92 -1.80
C ASN B 377 16.24 39.26 -2.52
N GLU B 378 17.45 39.80 -2.68
CA GLU B 378 17.61 41.09 -3.32
C GLU B 378 17.09 41.06 -4.76
N TYR B 379 17.47 40.02 -5.52
CA TYR B 379 17.04 39.95 -6.92
C TYR B 379 15.53 39.81 -7.02
N ILE B 380 14.93 39.04 -6.11
CA ILE B 380 13.47 38.89 -6.12
C ILE B 380 12.79 40.22 -5.81
N LEU B 381 13.31 40.95 -4.82
CA LEU B 381 12.76 42.27 -4.52
C LEU B 381 12.89 43.20 -5.71
N SER B 382 14.01 43.14 -6.42
CA SER B 382 14.20 43.99 -7.58
C SER B 382 13.20 43.64 -8.69
N LEU B 383 13.05 42.34 -8.97
CA LEU B 383 12.11 41.91 -10.00
C LEU B 383 10.67 42.23 -9.60
N ILE B 384 10.38 42.32 -8.30
CA ILE B 384 9.04 42.65 -7.86
C ILE B 384 8.79 44.15 -7.98
N GLU B 385 9.76 44.96 -7.59
CA GLU B 385 9.62 46.42 -7.64
C GLU B 385 9.76 46.98 -9.05
N GLU B 386 10.06 46.15 -10.04
CA GLU B 386 10.21 46.65 -11.41
C GLU B 386 8.89 47.20 -11.94
N ASN B 387 7.77 46.70 -11.45
CA ASN B 387 6.46 47.19 -11.87
C ASN B 387 5.47 46.96 -10.74
N ILE B 388 4.36 47.71 -10.81
CA ILE B 388 3.33 47.67 -9.78
C ILE B 388 2.09 46.92 -10.23
N ASP B 389 2.07 46.42 -11.47
CA ASP B 389 0.91 45.69 -11.98
C ASP B 389 0.84 44.26 -11.49
N LYS B 390 1.80 43.82 -10.66
CA LYS B 390 1.83 42.46 -10.16
C LYS B 390 1.19 42.27 -8.80
N ILE B 391 0.96 43.37 -8.05
CA ILE B 391 0.36 43.26 -6.73
C ILE B 391 -1.16 43.17 -6.78
N LEU B 392 -1.77 43.42 -7.93
CA LEU B 392 -3.22 43.37 -8.01
C LEU B 392 -3.78 42.01 -7.61
N PRO B 393 -3.31 40.88 -8.15
CA PRO B 393 -3.83 39.59 -7.71
C PRO B 393 -3.40 39.21 -6.31
N ILE B 394 -2.33 39.82 -5.79
CA ILE B 394 -1.84 39.48 -4.45
C ILE B 394 -2.56 40.26 -3.36
N MET B 395 -3.13 41.43 -3.67
CA MET B 395 -3.81 42.21 -2.64
C MET B 395 -5.00 41.46 -2.07
N PHE B 396 -5.80 40.84 -2.94
CA PHE B 396 -6.96 40.08 -2.46
C PHE B 396 -6.52 38.91 -1.59
N ALA B 397 -5.49 38.19 -2.01
CA ALA B 397 -5.00 37.06 -1.22
C ALA B 397 -4.48 37.53 0.13
N SER B 398 -3.80 38.68 0.16
CA SER B 398 -3.28 39.19 1.43
C SER B 398 -4.41 39.65 2.35
N LEU B 399 -5.45 40.24 1.78
CA LEU B 399 -6.57 40.71 2.60
C LEU B 399 -7.43 39.55 3.10
N TYR B 400 -7.49 38.45 2.35
CA TYR B 400 -8.26 37.30 2.76
C TYR B 400 -7.47 36.37 3.69
N LYS B 401 -6.15 36.37 3.59
CA LYS B 401 -5.33 35.50 4.42
C LYS B 401 -5.31 35.93 5.88
N ILE B 402 -5.59 37.20 6.16
CA ILE B 402 -5.56 37.68 7.55
C ILE B 402 -6.84 37.33 8.29
N SER B 403 -7.94 37.10 7.58
CA SER B 403 -9.20 36.78 8.24
C SER B 403 -9.23 35.32 8.71
N LYS B 404 -8.84 34.41 7.83
CA LYS B 404 -8.85 32.98 8.15
C LYS B 404 -7.51 32.55 8.72
N GLU B 405 -7.48 31.31 9.22
CA GLU B 405 -6.28 30.72 9.80
C GLU B 405 -5.76 31.57 10.96
N HIS B 406 -6.62 31.74 11.96
CA HIS B 406 -6.26 32.51 13.15
C HIS B 406 -5.39 31.72 14.12
N TRP B 407 -5.36 30.40 14.01
CA TRP B 407 -4.57 29.58 14.91
C TRP B 407 -3.07 29.71 14.68
N ASN B 408 -2.65 30.37 13.59
CA ASN B 408 -1.25 30.53 13.25
C ASN B 408 -0.95 32.01 13.09
N PRO B 409 -0.62 32.71 14.17
CA PRO B 409 -0.32 34.15 14.05
C PRO B 409 0.99 34.45 13.35
N THR B 410 1.90 33.47 13.23
CA THR B 410 3.16 33.71 12.56
C THR B 410 2.94 34.04 11.08
N ILE B 411 2.16 33.21 10.39
CA ILE B 411 1.86 33.49 8.98
C ILE B 411 1.06 34.77 8.85
N VAL B 412 0.22 35.08 9.85
CA VAL B 412 -0.54 36.33 9.81
C VAL B 412 0.42 37.53 9.83
N ALA B 413 1.37 37.53 10.75
CA ALA B 413 2.35 38.61 10.81
C ALA B 413 3.19 38.65 9.55
N LEU B 414 3.53 37.49 8.99
CA LEU B 414 4.31 37.45 7.75
C LEU B 414 3.55 38.11 6.61
N VAL B 415 2.28 37.76 6.43
CA VAL B 415 1.50 38.35 5.35
C VAL B 415 1.26 39.83 5.61
N TYR B 416 1.15 40.23 6.87
CA TYR B 416 1.02 41.66 7.18
C TYR B 416 2.28 42.42 6.79
N ASN B 417 3.45 41.86 7.10
CA ASN B 417 4.70 42.50 6.70
C ASN B 417 4.84 42.54 5.18
N VAL B 418 4.39 41.49 4.50
CA VAL B 418 4.47 41.48 3.05
C VAL B 418 3.55 42.54 2.46
N LEU B 419 2.35 42.68 3.02
CA LEU B 419 1.43 43.73 2.56
C LEU B 419 2.02 45.11 2.79
N LYS B 420 2.67 45.31 3.94
CA LYS B 420 3.32 46.59 4.21
C LYS B 420 4.43 46.86 3.19
N THR B 421 5.24 45.84 2.90
CA THR B 421 6.32 46.00 1.93
C THR B 421 5.76 46.35 0.55
N LEU B 422 4.67 45.67 0.15
CA LEU B 422 4.06 46.00 -1.13
C LEU B 422 3.48 47.41 -1.14
N MET B 423 2.96 47.87 0.01
CA MET B 423 2.42 49.22 0.10
C MET B 423 3.53 50.28 0.11
N GLU B 424 4.74 49.91 0.51
CA GLU B 424 5.85 50.86 0.48
C GLU B 424 5.96 51.53 -0.88
N MET B 425 5.89 50.73 -1.94
CA MET B 425 5.88 51.28 -3.29
C MET B 425 4.49 51.76 -3.66
N ASN B 426 4.42 52.88 -4.38
CA ASN B 426 3.15 53.46 -4.76
C ASN B 426 2.32 52.47 -5.56
N GLY B 427 1.20 52.03 -5.00
CA GLY B 427 0.34 51.07 -5.67
C GLY B 427 -1.01 51.00 -4.99
N LYS B 428 -1.94 50.33 -5.66
CA LYS B 428 -3.30 50.16 -5.15
C LYS B 428 -3.64 48.68 -4.99
N ASP C 2 -38.11 13.15 16.72
CA ASP C 2 -37.32 13.01 15.47
C ASP C 2 -35.91 12.51 15.76
N GLU C 3 -35.72 11.94 16.95
CA GLU C 3 -34.42 11.41 17.35
C GLU C 3 -34.22 9.97 16.90
N LYS C 4 -35.30 9.23 16.65
CA LYS C 4 -35.16 7.83 16.23
C LYS C 4 -34.57 7.74 14.83
N VAL C 5 -34.99 8.62 13.93
CA VAL C 5 -34.45 8.60 12.57
C VAL C 5 -32.96 8.94 12.60
N PHE C 6 -32.56 9.90 13.44
CA PHE C 6 -31.14 10.21 13.54
C PHE C 6 -30.36 9.09 14.20
N THR C 7 -30.97 8.39 15.16
CA THR C 7 -30.31 7.23 15.75
C THR C 7 -30.08 6.15 14.70
N LYS C 8 -31.07 5.89 13.85
CA LYS C 8 -30.89 4.93 12.77
C LYS C 8 -29.81 5.40 11.80
N GLU C 9 -29.79 6.70 11.49
CA GLU C 9 -28.76 7.22 10.59
C GLU C 9 -27.37 7.05 11.17
N LEU C 10 -27.22 7.30 12.47
CA LEU C 10 -25.92 7.12 13.11
C LEU C 10 -25.54 5.64 13.17
N ASP C 11 -26.53 4.77 13.37
CA ASP C 11 -26.25 3.33 13.38
C ASP C 11 -25.75 2.86 12.02
N GLN C 12 -26.40 3.29 10.95
CA GLN C 12 -25.94 2.90 9.62
C GLN C 12 -24.63 3.59 9.25
N TRP C 13 -24.38 4.78 9.79
CA TRP C 13 -23.07 5.39 9.65
C TRP C 13 -21.98 4.52 10.29
N ILE C 14 -22.24 4.05 11.51
CA ILE C 14 -21.29 3.18 12.18
C ILE C 14 -21.09 1.90 11.38
N GLU C 15 -22.17 1.36 10.82
CA GLU C 15 -22.07 0.15 10.01
C GLU C 15 -21.19 0.39 8.79
N GLN C 16 -21.43 1.48 8.06
CA GLN C 16 -20.62 1.79 6.90
C GLN C 16 -19.15 1.98 7.29
N LEU C 17 -18.91 2.66 8.41
CA LEU C 17 -17.53 2.91 8.84
C LEU C 17 -16.84 1.61 9.24
N ASN C 18 -17.59 0.65 9.78
CA ASN C 18 -17.02 -0.66 10.08
C ASN C 18 -16.59 -1.39 8.82
N GLU C 19 -17.19 -1.07 7.68
CA GLU C 19 -16.82 -1.64 6.39
C GLU C 19 -15.64 -0.93 5.76
N CYS C 20 -15.01 0.01 6.47
CA CYS C 20 -13.86 0.76 5.96
C CYS C 20 -14.28 1.67 4.80
N LYS C 21 -15.34 2.43 5.01
CA LYS C 21 -15.85 3.38 4.03
C LYS C 21 -16.06 4.73 4.71
N GLN C 22 -15.43 5.76 4.18
CA GLN C 22 -15.53 7.09 4.78
C GLN C 22 -16.91 7.69 4.52
N LEU C 23 -17.26 8.68 5.35
CA LEU C 23 -18.52 9.40 5.21
C LEU C 23 -18.33 10.61 4.31
N SER C 24 -19.45 11.28 4.01
CA SER C 24 -19.43 12.46 3.16
C SER C 24 -18.99 13.69 3.97
N GLU C 25 -18.79 14.80 3.26
CA GLU C 25 -18.33 16.02 3.91
C GLU C 25 -19.40 16.59 4.83
N SER C 26 -20.64 16.67 4.34
CA SER C 26 -21.72 17.21 5.18
C SER C 26 -21.99 16.31 6.36
N GLN C 27 -21.95 14.99 6.16
CA GLN C 27 -22.13 14.07 7.27
C GLN C 27 -21.04 14.27 8.32
N VAL C 28 -19.79 14.40 7.89
CA VAL C 28 -18.69 14.63 8.83
C VAL C 28 -18.88 15.95 9.57
N LYS C 29 -19.34 16.97 8.85
CA LYS C 29 -19.56 18.27 9.49
C LYS C 29 -20.62 18.18 10.58
N SER C 30 -21.76 17.56 10.26
CA SER C 30 -22.82 17.42 11.26
C SER C 30 -22.36 16.56 12.43
N LEU C 31 -21.64 15.48 12.15
CA LEU C 31 -21.16 14.61 13.21
C LEU C 31 -20.18 15.34 14.13
N CYS C 32 -19.31 16.18 13.55
CA CYS C 32 -18.38 16.94 14.37
C CYS C 32 -19.10 18.01 15.18
N GLU C 33 -20.12 18.64 14.59
CA GLU C 33 -20.91 19.61 15.34
C GLU C 33 -21.56 18.95 16.56
N LYS C 34 -22.16 17.78 16.36
CA LYS C 34 -22.80 17.10 17.48
C LYS C 34 -21.78 16.59 18.49
N ALA C 35 -20.62 16.15 18.03
CA ALA C 35 -19.57 15.72 18.95
C ALA C 35 -19.09 16.90 19.81
N LYS C 36 -19.00 18.09 19.21
CA LYS C 36 -18.65 19.28 19.98
C LYS C 36 -19.75 19.59 20.99
N GLU C 37 -21.01 19.54 20.56
CA GLU C 37 -22.11 19.79 21.47
C GLU C 37 -22.11 18.82 22.63
N ILE C 38 -21.67 17.58 22.40
CA ILE C 38 -21.65 16.59 23.47
C ILE C 38 -20.46 16.79 24.39
N LEU C 39 -19.27 17.03 23.81
CA LEU C 39 -18.06 17.10 24.61
C LEU C 39 -17.94 18.39 25.40
N THR C 40 -18.63 19.46 24.98
CA THR C 40 -18.53 20.73 25.69
C THR C 40 -19.04 20.61 27.12
N LYS C 41 -19.84 19.60 27.43
CA LYS C 41 -20.36 19.40 28.78
C LYS C 41 -19.41 18.59 29.66
N GLU C 42 -18.36 18.01 29.10
CA GLU C 42 -17.42 17.21 29.88
C GLU C 42 -16.33 18.10 30.47
N SER C 43 -15.87 17.72 31.66
CA SER C 43 -14.84 18.46 32.35
C SER C 43 -13.46 18.00 31.90
N ASN C 44 -12.44 18.78 32.29
CA ASN C 44 -11.06 18.43 31.94
C ASN C 44 -10.68 17.08 32.51
N VAL C 45 -11.18 16.75 33.71
CA VAL C 45 -10.94 15.45 34.32
C VAL C 45 -12.23 14.65 34.25
N GLN C 46 -12.48 14.01 33.10
CA GLN C 46 -13.74 13.29 32.90
C GLN C 46 -13.84 12.12 33.85
N GLU C 47 -14.96 12.06 34.59
CA GLU C 47 -15.18 10.97 35.53
C GLU C 47 -15.71 9.75 34.79
N VAL C 48 -15.05 8.61 35.02
CA VAL C 48 -15.45 7.33 34.45
C VAL C 48 -15.68 6.35 35.58
N ARG C 49 -16.59 5.41 35.38
CA ARG C 49 -16.90 4.41 36.40
C ARG C 49 -16.13 3.11 36.13
N CYS C 50 -16.18 2.22 37.10
CA CYS C 50 -15.26 1.08 37.19
C CYS C 50 -15.20 0.28 35.89
N PRO C 51 -16.31 -0.26 35.39
CA PRO C 51 -16.23 -1.16 34.22
C PRO C 51 -15.82 -0.41 32.97
N VAL C 52 -14.61 -0.68 32.46
CA VAL C 52 -14.10 0.03 31.30
C VAL C 52 -12.85 -0.69 30.82
N THR C 53 -12.45 -0.41 29.57
CA THR C 53 -11.26 -0.97 28.96
C THR C 53 -10.39 0.19 28.47
N VAL C 54 -9.16 0.26 28.96
CA VAL C 54 -8.24 1.34 28.61
C VAL C 54 -7.37 0.88 27.45
N CYS C 55 -7.14 1.77 26.49
CA CYS C 55 -6.40 1.46 25.28
C CYS C 55 -5.37 2.56 25.01
N GLY C 56 -4.37 2.22 24.23
CA GLY C 56 -3.27 3.11 23.89
C GLY C 56 -3.47 3.80 22.55
N ASP C 57 -2.35 4.14 21.92
CA ASP C 57 -2.39 4.84 20.64
C ASP C 57 -2.78 3.89 19.52
N VAL C 58 -3.49 4.44 18.52
CA VAL C 58 -3.91 3.70 17.35
C VAL C 58 -3.22 4.23 16.09
N HIS C 59 -3.30 5.54 15.87
CA HIS C 59 -2.63 6.19 14.74
C HIS C 59 -3.17 5.68 13.41
N GLY C 60 -4.50 5.74 13.26
CA GLY C 60 -5.15 5.45 11.99
C GLY C 60 -5.07 4.01 11.53
N GLN C 61 -4.54 3.10 12.35
CA GLN C 61 -4.45 1.68 11.97
C GLN C 61 -5.84 1.06 12.15
N PHE C 62 -6.65 1.19 11.09
CA PHE C 62 -8.04 0.79 11.17
C PHE C 62 -8.18 -0.71 11.39
N HIS C 63 -7.42 -1.52 10.65
CA HIS C 63 -7.52 -2.97 10.80
C HIS C 63 -7.04 -3.41 12.18
N ASP C 64 -6.01 -2.76 12.70
CA ASP C 64 -5.58 -3.07 14.07
C ASP C 64 -6.61 -2.62 15.08
N LEU C 65 -7.38 -1.57 14.78
CA LEU C 65 -8.48 -1.20 15.65
C LEU C 65 -9.59 -2.25 15.61
N MET C 66 -9.85 -2.82 14.43
CA MET C 66 -10.81 -3.91 14.34
C MET C 66 -10.35 -5.11 15.14
N GLU C 67 -9.05 -5.43 15.08
CA GLU C 67 -8.52 -6.52 15.89
C GLU C 67 -8.64 -6.21 17.37
N LEU C 68 -8.41 -4.96 17.75
CA LEU C 68 -8.59 -4.56 19.15
C LEU C 68 -10.03 -4.77 19.59
N PHE C 69 -10.99 -4.40 18.74
CA PHE C 69 -12.40 -4.63 19.07
C PHE C 69 -12.69 -6.12 19.18
N ARG C 70 -12.10 -6.92 18.29
CA ARG C 70 -12.29 -8.37 18.36
C ARG C 70 -11.78 -8.94 19.68
N ILE C 71 -10.63 -8.43 20.14
CA ILE C 71 -10.04 -8.96 21.37
C ILE C 71 -10.84 -8.48 22.59
N GLY C 72 -11.22 -7.21 22.61
CA GLY C 72 -11.91 -6.65 23.76
C GLY C 72 -13.42 -6.69 23.66
N GLY C 73 -13.94 -6.77 22.45
CA GLY C 73 -15.37 -6.80 22.21
C GLY C 73 -15.85 -5.55 21.49
N LYS C 74 -17.09 -5.65 20.99
CA LYS C 74 -17.66 -4.56 20.22
C LYS C 74 -17.97 -3.38 21.12
N SER C 75 -17.91 -2.18 20.53
CA SER C 75 -18.07 -0.95 21.32
C SER C 75 -19.39 -0.88 22.08
N PRO C 76 -20.53 -1.33 21.54
CA PRO C 76 -21.80 -1.14 22.29
C PRO C 76 -21.78 -1.69 23.69
N ASP C 77 -21.44 -2.98 23.87
CA ASP C 77 -21.55 -3.60 25.19
C ASP C 77 -20.38 -3.24 26.09
N THR C 78 -19.16 -3.58 25.70
CA THR C 78 -18.01 -3.33 26.55
C THR C 78 -17.60 -1.87 26.48
N ASN C 79 -17.30 -1.29 27.64
CA ASN C 79 -16.94 0.12 27.72
C ASN C 79 -15.47 0.32 27.42
N TYR C 80 -15.15 1.44 26.79
CA TYR C 80 -13.79 1.75 26.38
C TYR C 80 -13.38 3.11 26.92
N LEU C 81 -12.09 3.27 27.20
CA LEU C 81 -11.49 4.55 27.57
C LEU C 81 -10.22 4.71 26.76
N PHE C 82 -10.27 5.52 25.71
CA PHE C 82 -9.17 5.70 24.78
C PHE C 82 -8.39 6.94 25.15
N MET C 83 -7.06 6.85 25.06
CA MET C 83 -6.17 7.91 25.52
C MET C 83 -5.56 8.72 24.39
N GLY C 84 -6.19 8.75 23.22
CA GLY C 84 -5.84 9.70 22.18
C GLY C 84 -5.00 9.11 21.06
N ASP C 85 -4.63 10.01 20.14
CA ASP C 85 -3.80 9.71 18.99
C ASP C 85 -4.54 8.82 17.99
N TYR C 86 -5.10 9.45 16.94
CA TYR C 86 -5.75 8.72 15.86
C TYR C 86 -5.45 9.34 14.50
N VAL C 87 -4.51 10.28 14.42
CA VAL C 87 -4.30 11.08 13.21
C VAL C 87 -2.85 10.90 12.76
N ASN C 88 -2.65 10.96 11.45
CA ASN C 88 -1.34 10.86 10.81
C ASN C 88 -0.68 9.54 11.16
N ARG C 89 0.37 9.18 10.42
CA ARG C 89 1.07 7.92 10.63
C ARG C 89 0.14 6.72 10.49
N GLY C 90 -0.87 6.85 9.61
CA GLY C 90 -1.80 5.77 9.36
C GLY C 90 -2.46 5.87 8.00
N TYR C 91 -2.61 4.76 7.29
CA TYR C 91 -3.21 4.80 5.96
C TYR C 91 -4.68 5.19 6.03
N TYR C 92 -5.39 4.73 7.06
CA TYR C 92 -6.84 4.89 7.16
C TYR C 92 -7.24 5.78 8.34
N SER C 93 -6.45 6.82 8.61
CA SER C 93 -6.73 7.69 9.75
C SER C 93 -8.14 8.27 9.68
N VAL C 94 -8.59 8.64 8.48
CA VAL C 94 -9.89 9.28 8.33
C VAL C 94 -11.00 8.37 8.83
N GLU C 95 -11.01 7.13 8.33
CA GLU C 95 -12.04 6.18 8.75
C GLU C 95 -11.97 5.93 10.25
N THR C 96 -10.75 5.86 10.80
CA THR C 96 -10.59 5.63 12.24
C THR C 96 -11.25 6.75 13.04
N VAL C 97 -10.88 7.99 12.76
CA VAL C 97 -11.42 9.11 13.52
C VAL C 97 -12.93 9.20 13.32
N THR C 98 -13.40 8.94 12.11
CA THR C 98 -14.84 9.02 11.85
C THR C 98 -15.60 7.97 12.66
N LEU C 99 -15.13 6.72 12.63
CA LEU C 99 -15.79 5.68 13.41
C LEU C 99 -15.75 5.99 14.90
N LEU C 100 -14.62 6.52 15.38
CA LEU C 100 -14.51 6.80 16.81
C LEU C 100 -15.47 7.90 17.23
N VAL C 101 -15.50 9.02 16.49
CA VAL C 101 -16.42 10.09 16.84
C VAL C 101 -17.87 9.66 16.68
N ALA C 102 -18.15 8.79 15.70
CA ALA C 102 -19.51 8.28 15.55
C ALA C 102 -19.92 7.43 16.73
N LEU C 103 -19.04 6.55 17.19
CA LEU C 103 -19.33 5.75 18.37
C LEU C 103 -19.51 6.63 19.59
N LYS C 104 -18.72 7.70 19.70
CA LYS C 104 -18.85 8.61 20.83
C LYS C 104 -20.21 9.30 20.81
N VAL C 105 -20.60 9.84 19.66
CA VAL C 105 -21.90 10.51 19.57
C VAL C 105 -23.03 9.53 19.83
N ARG C 106 -22.90 8.29 19.33
CA ARG C 106 -23.95 7.31 19.50
C ARG C 106 -23.99 6.77 20.92
N TYR C 107 -22.83 6.40 21.47
CA TYR C 107 -22.73 5.83 22.81
C TYR C 107 -21.76 6.69 23.62
N ARG C 108 -22.20 7.91 23.96
CA ARG C 108 -21.36 8.79 24.78
C ARG C 108 -21.09 8.17 26.13
N GLU C 109 -22.06 7.45 26.69
CA GLU C 109 -21.87 6.81 27.99
C GLU C 109 -20.90 5.64 27.90
N ARG C 110 -20.98 4.85 26.82
CA ARG C 110 -20.20 3.63 26.73
C ARG C 110 -18.72 3.93 26.49
N ILE C 111 -18.42 4.67 25.41
CA ILE C 111 -17.05 4.88 24.97
C ILE C 111 -16.63 6.29 25.36
N THR C 112 -15.35 6.44 25.73
CA THR C 112 -14.77 7.72 26.07
C THR C 112 -13.50 7.93 25.24
N ILE C 113 -13.19 9.20 24.97
CA ILE C 113 -12.04 9.56 24.16
C ILE C 113 -11.34 10.75 24.81
N LEU C 114 -10.01 10.75 24.77
CA LEU C 114 -9.20 11.82 25.32
C LEU C 114 -8.27 12.35 24.24
N ARG C 115 -7.95 13.64 24.34
CA ARG C 115 -7.11 14.27 23.32
C ARG C 115 -5.66 13.81 23.45
N GLY C 116 -4.96 13.83 22.32
CA GLY C 116 -3.55 13.53 22.28
C GLY C 116 -2.77 14.65 21.62
N ASN C 117 -1.45 14.68 21.83
CA ASN C 117 -0.64 15.75 21.24
C ASN C 117 -0.73 15.73 19.72
N HIS C 118 -0.83 14.54 19.13
CA HIS C 118 -0.94 14.45 17.68
C HIS C 118 -2.23 15.07 17.17
N GLU C 119 -3.28 15.14 18.01
CA GLU C 119 -4.54 15.79 17.63
C GLU C 119 -4.36 17.31 17.76
N SER C 120 -3.55 17.85 16.86
CA SER C 120 -3.24 19.27 16.85
C SER C 120 -3.00 19.70 15.41
N ARG C 121 -3.47 20.91 15.06
CA ARG C 121 -3.39 21.37 13.69
C ARG C 121 -1.97 21.26 13.14
N GLN C 122 -0.99 21.75 13.90
CA GLN C 122 0.39 21.72 13.42
C GLN C 122 0.89 20.30 13.24
N ILE C 123 0.64 19.44 14.23
CA ILE C 123 1.14 18.07 14.15
C ILE C 123 0.44 17.31 13.04
N THR C 124 -0.88 17.48 12.92
CA THR C 124 -1.62 16.79 11.86
C THR C 124 -1.17 17.26 10.49
N GLN C 125 -0.87 18.55 10.34
CA GLN C 125 -0.39 19.05 9.06
C GLN C 125 1.00 18.53 8.73
N VAL C 126 1.90 18.52 9.70
CA VAL C 126 3.29 18.18 9.41
C VAL C 126 3.45 16.68 9.21
N TYR C 127 2.66 15.87 9.93
CA TYR C 127 2.84 14.42 9.87
C TYR C 127 1.98 13.73 8.82
N GLY C 128 1.08 14.45 8.17
CA GLY C 128 0.41 13.93 6.98
C GLY C 128 -1.06 13.58 7.11
N PHE C 129 -1.70 13.88 8.24
CA PHE C 129 -3.15 13.68 8.32
C PHE C 129 -3.88 14.67 7.41
N TYR C 130 -3.38 15.91 7.34
CA TYR C 130 -3.91 16.86 6.38
C TYR C 130 -3.82 16.31 4.96
N ASP C 131 -2.71 15.63 4.64
CA ASP C 131 -2.55 15.05 3.31
C ASP C 131 -3.61 13.99 3.04
N GLU C 132 -3.87 13.13 4.03
CA GLU C 132 -4.89 12.10 3.86
C GLU C 132 -6.27 12.71 3.66
N CYS C 133 -6.60 13.72 4.47
CA CYS C 133 -7.88 14.40 4.31
C CYS C 133 -8.01 15.04 2.93
N LEU C 134 -6.93 15.67 2.46
CA LEU C 134 -6.96 16.30 1.14
C LEU C 134 -7.14 15.26 0.05
N ARG C 135 -6.45 14.12 0.16
CA ARG C 135 -6.57 13.08 -0.86
C ARG C 135 -7.97 12.49 -0.87
N LYS C 136 -8.58 12.29 0.30
CA LYS C 136 -9.85 11.60 0.37
C LYS C 136 -11.05 12.52 0.13
N TYR C 137 -10.90 13.83 0.35
CA TYR C 137 -12.00 14.77 0.17
C TYR C 137 -11.70 15.89 -0.82
N GLY C 138 -10.44 16.09 -1.21
CA GLY C 138 -10.10 17.12 -2.16
C GLY C 138 -10.00 18.52 -1.61
N ASN C 139 -10.39 18.74 -0.35
CA ASN C 139 -10.31 20.05 0.28
C ASN C 139 -9.94 19.86 1.76
N ALA C 140 -9.92 20.97 2.49
CA ALA C 140 -9.52 20.97 3.89
C ALA C 140 -10.70 21.21 4.83
N ASN C 141 -11.93 21.04 4.34
CA ASN C 141 -13.10 21.25 5.20
C ASN C 141 -13.18 20.19 6.27
N VAL C 142 -13.03 18.92 5.89
CA VAL C 142 -13.08 17.84 6.87
C VAL C 142 -11.94 17.98 7.88
N TRP C 143 -10.75 18.32 7.40
CA TRP C 143 -9.63 18.55 8.30
C TRP C 143 -9.92 19.67 9.28
N LYS C 144 -10.50 20.78 8.78
CA LYS C 144 -10.84 21.89 9.66
C LYS C 144 -11.85 21.46 10.72
N TYR C 145 -12.88 20.73 10.31
CA TYR C 145 -13.88 20.27 11.26
C TYR C 145 -13.26 19.37 12.33
N PHE C 146 -12.39 18.44 11.91
CA PHE C 146 -11.79 17.52 12.87
C PHE C 146 -10.86 18.26 13.82
N THR C 147 -10.08 19.21 13.32
CA THR C 147 -9.19 19.97 14.19
C THR C 147 -9.96 20.86 15.14
N ASP C 148 -11.11 21.39 14.71
CA ASP C 148 -11.93 22.18 15.62
C ASP C 148 -12.57 21.29 16.68
N LEU C 149 -12.94 20.07 16.31
CA LEU C 149 -13.49 19.13 17.29
C LEU C 149 -12.44 18.72 18.31
N PHE C 150 -11.20 18.51 17.86
CA PHE C 150 -10.15 18.09 18.77
C PHE C 150 -9.97 19.07 19.92
N ASP C 151 -10.23 20.36 19.68
CA ASP C 151 -10.09 21.36 20.74
C ASP C 151 -11.01 21.07 21.92
N TYR C 152 -12.11 20.36 21.70
CA TYR C 152 -13.07 20.05 22.75
C TYR C 152 -12.79 18.71 23.43
N LEU C 153 -11.86 17.91 22.93
CA LEU C 153 -11.58 16.62 23.52
C LEU C 153 -11.02 16.81 24.93
N PRO C 154 -11.48 16.04 25.92
CA PRO C 154 -10.92 16.16 27.26
C PRO C 154 -9.43 15.86 27.28
N LEU C 155 -8.76 16.41 28.28
CA LEU C 155 -7.32 16.24 28.43
C LEU C 155 -6.96 15.02 29.27
N THR C 156 -7.69 14.79 30.37
CA THR C 156 -7.41 13.68 31.27
C THR C 156 -8.72 13.06 31.72
N ALA C 157 -8.62 11.87 32.31
CA ALA C 157 -9.77 11.16 32.84
C ALA C 157 -9.40 10.53 34.17
N LEU C 158 -10.41 10.29 34.99
CA LEU C 158 -10.23 9.70 36.32
C LEU C 158 -11.32 8.65 36.52
N VAL C 159 -10.93 7.39 36.52
CA VAL C 159 -11.87 6.27 36.67
C VAL C 159 -11.82 5.79 38.10
N ASP C 160 -12.98 5.67 38.73
CA ASP C 160 -13.14 5.21 40.11
C ASP C 160 -12.49 6.14 41.12
N GLY C 161 -12.07 7.34 40.70
CA GLY C 161 -11.44 8.28 41.61
C GLY C 161 -10.12 7.79 42.16
N GLN C 162 -9.57 6.74 41.55
CA GLN C 162 -8.32 6.16 42.01
C GLN C 162 -7.27 6.04 40.91
N ILE C 163 -7.69 5.73 39.69
CA ILE C 163 -6.78 5.53 38.56
C ILE C 163 -6.86 6.76 37.66
N PHE C 164 -5.75 7.47 37.52
CA PHE C 164 -5.68 8.67 36.71
C PHE C 164 -5.19 8.31 35.32
N CYS C 165 -5.98 8.66 34.29
CA CYS C 165 -5.66 8.35 32.91
C CYS C 165 -5.44 9.64 32.14
N LEU C 166 -4.38 9.66 31.33
CA LEU C 166 -4.06 10.81 30.50
C LEU C 166 -3.09 10.36 29.42
N HIS C 167 -2.93 11.20 28.40
CA HIS C 167 -2.08 10.85 27.27
C HIS C 167 -0.60 10.97 27.62
N GLY C 168 -0.14 12.18 27.89
CA GLY C 168 1.27 12.39 28.17
C GLY C 168 1.68 11.95 29.56
N GLY C 169 1.73 12.90 30.49
CA GLY C 169 2.15 12.57 31.84
C GLY C 169 1.98 13.73 32.78
N LEU C 170 2.72 13.68 33.88
CA LEU C 170 2.62 14.73 34.90
C LEU C 170 3.33 15.99 34.43
N SER C 171 2.97 17.11 35.06
CA SER C 171 3.51 18.42 34.72
C SER C 171 4.05 19.09 35.97
N PRO C 172 5.16 19.83 35.86
CA PRO C 172 5.70 20.52 37.04
C PRO C 172 4.83 21.67 37.52
N SER C 173 3.88 22.13 36.70
CA SER C 173 2.96 23.20 37.09
C SER C 173 1.60 22.67 37.52
N ILE C 174 1.48 21.36 37.72
CA ILE C 174 0.22 20.72 38.09
C ILE C 174 0.50 19.87 39.32
N ASP C 175 -0.11 20.24 40.45
CA ASP C 175 0.03 19.49 41.69
C ASP C 175 -1.24 18.77 42.12
N THR C 176 -2.41 19.28 41.76
CA THR C 176 -3.68 18.68 42.12
C THR C 176 -4.58 18.61 40.90
N LEU C 177 -5.56 17.70 40.94
CA LEU C 177 -6.50 17.57 39.85
C LEU C 177 -7.32 18.85 39.66
N ASP C 178 -7.48 19.63 40.73
CA ASP C 178 -8.19 20.90 40.60
C ASP C 178 -7.46 21.85 39.64
N HIS C 179 -6.12 21.82 39.67
CA HIS C 179 -5.36 22.65 38.74
C HIS C 179 -5.66 22.26 37.30
N ILE C 180 -5.85 20.96 37.04
CA ILE C 180 -6.21 20.53 35.70
C ILE C 180 -7.64 20.96 35.36
N ARG C 181 -8.55 20.82 36.32
CA ARG C 181 -9.92 21.25 36.09
C ARG C 181 -10.02 22.75 35.84
N ALA C 182 -9.05 23.52 36.31
CA ALA C 182 -9.07 24.97 36.10
C ALA C 182 -8.53 25.38 34.74
N LEU C 183 -7.78 24.51 34.07
CA LEU C 183 -7.22 24.85 32.77
C LEU C 183 -8.33 25.03 31.73
N ASP C 184 -7.99 25.77 30.68
CA ASP C 184 -8.90 26.02 29.56
C ASP C 184 -8.49 25.11 28.41
N ARG C 185 -9.25 24.04 28.18
CA ARG C 185 -8.94 23.09 27.13
C ARG C 185 -9.36 23.58 25.74
N LEU C 186 -10.28 24.53 25.67
CA LEU C 186 -10.80 25.01 24.39
C LEU C 186 -9.78 25.93 23.72
N GLN C 187 -8.71 25.31 23.21
CA GLN C 187 -7.68 26.04 22.49
C GLN C 187 -6.70 25.03 21.90
N GLU C 188 -5.96 25.48 20.89
CA GLU C 188 -4.95 24.64 20.28
C GLU C 188 -3.87 24.29 21.29
N VAL C 189 -3.31 23.09 21.16
CA VAL C 189 -2.26 22.61 22.06
C VAL C 189 -1.07 23.57 22.01
N PRO C 190 -0.80 24.32 23.06
CA PRO C 190 0.35 25.24 23.03
C PRO C 190 1.66 24.49 22.96
N HIS C 191 2.74 25.27 22.77
CA HIS C 191 4.08 24.71 22.74
C HIS C 191 4.67 24.49 24.13
N GLU C 192 4.02 24.99 25.17
CA GLU C 192 4.49 24.82 26.54
C GLU C 192 3.33 25.10 27.49
N GLY C 193 3.54 24.74 28.75
CA GLY C 193 2.54 24.94 29.78
C GLY C 193 1.99 23.64 30.32
N PRO C 194 1.03 23.72 31.23
CA PRO C 194 0.49 22.49 31.82
C PRO C 194 -0.20 21.58 30.81
N MET C 195 -0.89 22.15 29.83
CA MET C 195 -1.57 21.33 28.82
C MET C 195 -0.57 20.59 27.95
N CYS C 196 0.43 21.30 27.43
CA CYS C 196 1.45 20.66 26.61
C CYS C 196 2.19 19.58 27.40
N ASP C 197 2.45 19.84 28.69
CA ASP C 197 3.11 18.84 29.51
C ASP C 197 2.22 17.62 29.72
N LEU C 198 0.93 17.85 29.99
CA LEU C 198 0.00 16.73 30.14
C LEU C 198 -0.08 15.90 28.87
N LEU C 199 0.10 16.53 27.70
CA LEU C 199 -0.03 15.82 26.44
C LEU C 199 1.30 15.36 25.85
N TRP C 200 2.43 15.66 26.50
CA TRP C 200 3.73 15.31 25.94
C TRP C 200 4.62 14.57 26.93
N SER C 201 4.40 14.79 28.23
CA SER C 201 5.30 14.23 29.24
C SER C 201 5.35 12.71 29.15
N ASP C 202 6.47 12.15 29.60
CA ASP C 202 6.69 10.71 29.60
C ASP C 202 7.49 10.33 30.83
N PRO C 203 7.41 9.07 31.27
CA PRO C 203 8.19 8.65 32.43
C PRO C 203 9.69 8.79 32.19
N ASP C 204 10.45 8.64 33.27
CA ASP C 204 11.90 8.76 33.20
C ASP C 204 12.53 7.88 34.27
N ASP C 205 13.66 7.27 33.94
CA ASP C 205 14.44 6.54 34.92
C ASP C 205 15.24 7.45 35.84
N ARG C 206 15.50 8.68 35.40
CA ARG C 206 16.22 9.64 36.21
C ARG C 206 15.31 10.21 37.30
N GLY C 207 15.92 10.87 38.28
CA GLY C 207 15.17 11.48 39.36
C GLY C 207 14.81 12.93 39.07
N GLY C 208 13.74 13.39 39.70
CA GLY C 208 13.31 14.76 39.51
C GLY C 208 12.78 15.00 38.11
N TRP C 209 12.71 16.29 37.77
CA TRP C 209 12.19 16.72 36.47
C TRP C 209 13.33 16.86 35.46
N GLY C 210 13.02 16.57 34.20
CA GLY C 210 13.98 16.70 33.13
C GLY C 210 13.33 17.24 31.87
N ILE C 211 14.18 17.54 30.90
CA ILE C 211 13.73 18.07 29.61
C ILE C 211 13.44 16.91 28.67
N SER C 212 12.26 16.92 28.06
CA SER C 212 11.89 15.84 27.16
C SER C 212 12.75 15.88 25.90
N PRO C 213 13.32 14.76 25.47
CA PRO C 213 14.10 14.78 24.22
C PRO C 213 13.26 15.09 22.98
N ARG C 214 11.93 14.98 23.07
CA ARG C 214 11.07 15.26 21.93
C ARG C 214 10.96 16.74 21.62
N GLY C 215 11.49 17.60 22.48
CA GLY C 215 11.36 19.04 22.30
C GLY C 215 10.15 19.66 22.94
N ALA C 216 9.32 18.88 23.62
CA ALA C 216 8.14 19.39 24.29
C ALA C 216 7.80 18.49 25.46
N GLY C 217 7.29 19.10 26.52
CA GLY C 217 6.98 18.36 27.73
C GLY C 217 8.17 18.22 28.65
N TYR C 218 7.97 17.42 29.70
CA TYR C 218 8.99 17.17 30.70
C TYR C 218 9.07 15.68 31.00
N THR C 219 10.19 15.27 31.58
CA THR C 219 10.42 13.90 32.00
C THR C 219 10.41 13.85 33.53
N PHE C 220 9.74 12.84 34.08
CA PHE C 220 9.57 12.70 35.51
C PHE C 220 10.00 11.31 35.96
N GLY C 221 10.45 11.22 37.21
CA GLY C 221 10.93 9.99 37.78
C GLY C 221 9.92 9.35 38.70
N GLN C 222 10.37 8.29 39.39
CA GLN C 222 9.49 7.56 40.29
C GLN C 222 9.03 8.44 41.45
N ASP C 223 9.93 9.26 41.99
CA ASP C 223 9.57 10.11 43.13
C ASP C 223 8.44 11.07 42.76
N ILE C 224 8.49 11.65 41.56
CA ILE C 224 7.46 12.59 41.13
C ILE C 224 6.11 11.89 41.06
N SER C 225 6.08 10.70 40.46
CA SER C 225 4.82 9.97 40.35
C SER C 225 4.28 9.57 41.72
N GLU C 226 5.17 9.13 42.62
CA GLU C 226 4.74 8.79 43.96
C GLU C 226 4.16 10.00 44.68
N THR C 227 4.83 11.15 44.58
CA THR C 227 4.32 12.35 45.22
C THR C 227 2.97 12.75 44.66
N PHE C 228 2.82 12.70 43.34
CA PHE C 228 1.55 13.05 42.72
C PHE C 228 0.43 12.12 43.19
N ASN C 229 0.71 10.80 43.20
CA ASN C 229 -0.30 9.85 43.61
C ASN C 229 -0.69 10.03 45.07
N HIS C 230 0.29 10.33 45.93
CA HIS C 230 0.00 10.49 47.35
C HIS C 230 -0.75 11.79 47.61
N ALA C 231 -0.46 12.84 46.84
CA ALA C 231 -1.15 14.11 47.04
C ALA C 231 -2.55 14.07 46.45
N ASN C 232 -2.78 13.29 45.40
CA ASN C 232 -4.08 13.18 44.75
C ASN C 232 -4.84 11.93 45.17
N GLY C 233 -4.25 11.08 46.01
CA GLY C 233 -4.94 9.86 46.41
C GLY C 233 -5.21 8.93 45.26
N LEU C 234 -4.24 8.75 44.37
CA LEU C 234 -4.40 7.91 43.20
C LEU C 234 -3.67 6.59 43.39
N THR C 235 -4.14 5.56 42.69
CA THR C 235 -3.57 4.22 42.77
C THR C 235 -2.62 3.90 41.62
N LEU C 236 -2.88 4.43 40.43
CA LEU C 236 -2.05 4.13 39.27
C LEU C 236 -2.30 5.19 38.20
N VAL C 237 -1.23 5.58 37.51
CA VAL C 237 -1.29 6.55 36.43
C VAL C 237 -1.14 5.80 35.13
N SER C 238 -2.22 5.77 34.33
CA SER C 238 -2.23 5.10 33.05
C SER C 238 -1.97 6.11 31.94
N ARG C 239 -1.11 5.75 30.99
CA ARG C 239 -0.73 6.66 29.92
C ARG C 239 -0.37 5.85 28.68
N ALA C 240 -0.17 6.56 27.57
CA ALA C 240 0.25 5.96 26.32
C ALA C 240 1.38 6.77 25.70
N HIS C 241 1.17 7.31 24.50
CA HIS C 241 2.14 8.20 23.88
C HIS C 241 3.45 7.49 23.54
N GLN C 242 4.13 6.95 24.55
CA GLN C 242 5.43 6.33 24.35
C GLN C 242 5.26 4.89 23.87
N LEU C 243 6.02 4.54 22.84
CA LEU C 243 5.96 3.19 22.28
C LEU C 243 6.69 2.21 23.20
N VAL C 244 6.15 1.00 23.31
CA VAL C 244 6.73 -0.06 24.11
C VAL C 244 6.69 -1.36 23.32
N MET C 245 7.73 -2.18 23.47
CA MET C 245 7.82 -3.41 22.70
C MET C 245 6.75 -4.41 23.09
N GLU C 246 6.36 -4.44 24.36
CA GLU C 246 5.40 -5.41 24.87
C GLU C 246 3.96 -4.92 24.82
N GLY C 247 3.73 -3.72 24.31
CA GLY C 247 2.38 -3.16 24.32
C GLY C 247 2.02 -2.47 25.62
N TYR C 248 2.29 -3.12 26.74
CA TYR C 248 2.11 -2.53 28.05
C TYR C 248 3.40 -2.70 28.85
N ASN C 249 3.66 -1.75 29.75
CA ASN C 249 4.90 -1.75 30.51
C ASN C 249 4.68 -1.07 31.85
N TRP C 250 5.11 -1.73 32.93
CA TRP C 250 5.08 -1.16 34.27
C TRP C 250 6.38 -0.40 34.53
N CYS C 251 6.28 0.66 35.33
CA CYS C 251 7.44 1.46 35.68
C CYS C 251 7.13 2.27 36.92
N HIS C 252 8.19 2.80 37.53
CA HIS C 252 8.07 3.63 38.73
C HIS C 252 7.40 2.86 39.87
N ASP C 253 7.83 1.62 40.06
CA ASP C 253 7.28 0.75 41.10
C ASP C 253 5.78 0.58 40.92
N ARG C 254 5.37 0.31 39.69
CA ARG C 254 3.97 0.09 39.33
C ARG C 254 3.10 1.30 39.65
N ASN C 255 3.69 2.49 39.75
CA ASN C 255 2.92 3.72 39.92
C ASN C 255 2.50 4.33 38.60
N VAL C 256 3.16 3.97 37.50
CA VAL C 256 2.83 4.44 36.17
C VAL C 256 2.85 3.26 35.22
N VAL C 257 1.86 3.18 34.34
CA VAL C 257 1.76 2.12 33.34
C VAL C 257 1.57 2.75 31.98
N THR C 258 2.36 2.31 31.00
CA THR C 258 2.27 2.80 29.63
C THR C 258 1.59 1.74 28.78
N ILE C 259 0.58 2.17 28.01
CA ILE C 259 -0.19 1.28 27.16
C ILE C 259 -0.06 1.75 25.72
N PHE C 260 0.14 0.80 24.80
CA PHE C 260 0.29 1.10 23.38
C PHE C 260 -0.55 0.10 22.60
N SER C 261 -1.50 0.61 21.81
CA SER C 261 -2.46 -0.23 21.10
C SER C 261 -2.27 -0.20 19.60
N ALA C 262 -1.10 0.24 19.11
CA ALA C 262 -0.79 0.27 17.69
C ALA C 262 0.28 -0.78 17.40
N PRO C 263 -0.11 -2.02 17.10
CA PRO C 263 0.91 -3.06 16.88
C PRO C 263 1.61 -2.89 15.55
N ASN C 264 2.90 -3.22 15.55
CA ASN C 264 3.76 -3.03 14.38
C ASN C 264 3.67 -1.59 13.90
N TYR C 265 4.08 -0.68 14.77
CA TYR C 265 3.96 0.75 14.51
C TYR C 265 4.67 1.13 13.22
N CYS C 266 3.92 1.71 12.29
CA CYS C 266 4.44 2.14 10.99
C CYS C 266 5.07 1.00 10.22
N TYR C 267 4.66 -0.24 10.51
CA TYR C 267 5.13 -1.44 9.82
C TYR C 267 6.63 -1.68 9.98
N ARG C 268 7.27 -0.99 10.92
CA ARG C 268 8.70 -1.18 11.18
C ARG C 268 9.02 -1.53 12.62
N CYS C 269 8.32 -0.93 13.59
CA CYS C 269 8.64 -1.19 14.99
C CYS C 269 8.39 -2.64 15.36
N GLY C 270 7.37 -3.27 14.80
CA GLY C 270 7.08 -4.66 15.10
C GLY C 270 6.68 -4.90 16.53
N ASN C 271 6.38 -3.82 17.27
CA ASN C 271 6.01 -3.96 18.67
C ASN C 271 4.59 -4.49 18.79
N GLN C 272 4.34 -5.21 19.88
CA GLN C 272 3.02 -5.75 20.14
C GLN C 272 2.11 -4.66 20.70
N ALA C 273 0.81 -4.91 20.60
CA ALA C 273 -0.22 -4.03 21.15
C ALA C 273 -0.84 -4.68 22.38
N ALA C 274 -1.47 -3.84 23.20
CA ALA C 274 -2.07 -4.32 24.44
C ALA C 274 -3.17 -3.36 24.87
N ILE C 275 -4.11 -3.89 25.66
CA ILE C 275 -5.19 -3.11 26.25
C ILE C 275 -5.31 -3.50 27.72
N MET C 276 -5.86 -2.58 28.51
CA MET C 276 -5.99 -2.75 29.94
C MET C 276 -7.47 -2.75 30.31
N GLU C 277 -7.95 -3.87 30.86
CA GLU C 277 -9.33 -4.02 31.25
C GLU C 277 -9.46 -3.84 32.76
N LEU C 278 -10.44 -3.04 33.18
CA LEU C 278 -10.74 -2.81 34.59
C LEU C 278 -12.13 -3.37 34.87
N ASP C 279 -12.19 -4.44 35.66
CA ASP C 279 -13.43 -5.14 35.92
C ASP C 279 -14.33 -4.30 36.85
N ASP C 280 -15.34 -4.95 37.43
CA ASP C 280 -16.32 -4.22 38.24
C ASP C 280 -15.67 -3.57 39.45
N THR C 281 -14.69 -4.23 40.06
CA THR C 281 -14.05 -3.76 41.28
C THR C 281 -12.66 -3.19 41.01
N LEU C 282 -12.44 -2.67 39.80
CA LEU C 282 -11.23 -1.94 39.43
C LEU C 282 -9.99 -2.82 39.34
N LYS C 283 -10.12 -4.13 39.50
CA LYS C 283 -8.96 -5.01 39.35
C LYS C 283 -8.56 -5.08 37.88
N TYR C 284 -7.28 -4.87 37.61
CA TYR C 284 -6.78 -4.66 36.26
C TYR C 284 -6.30 -5.96 35.63
N SER C 285 -6.36 -5.99 34.30
CA SER C 285 -5.86 -7.12 33.53
C SER C 285 -5.43 -6.61 32.16
N PHE C 286 -4.46 -7.29 31.56
CA PHE C 286 -3.88 -6.88 30.29
C PHE C 286 -4.13 -7.95 29.24
N LEU C 287 -4.37 -7.50 28.01
CA LEU C 287 -4.60 -8.40 26.87
C LEU C 287 -3.73 -7.94 25.72
N GLN C 288 -2.76 -8.76 25.34
CA GLN C 288 -1.84 -8.45 24.25
C GLN C 288 -2.32 -9.12 22.96
N PHE C 289 -2.08 -8.45 21.84
CA PHE C 289 -2.48 -8.97 20.54
C PHE C 289 -1.52 -8.46 19.48
N ASP C 290 -1.48 -9.18 18.36
CA ASP C 290 -0.60 -8.90 17.24
C ASP C 290 -1.37 -8.19 16.13
N PRO C 291 -0.67 -7.63 15.15
CA PRO C 291 -1.36 -6.91 14.07
C PRO C 291 -2.35 -7.80 13.34
N ALA C 292 -3.43 -7.19 12.86
CA ALA C 292 -4.46 -7.92 12.15
C ALA C 292 -3.88 -8.49 10.85
N PRO C 293 -4.06 -9.78 10.57
CA PRO C 293 -3.60 -10.33 9.30
C PRO C 293 -4.53 -9.97 8.15
N ARG C 294 -3.94 -9.87 6.96
CA ARG C 294 -4.70 -9.54 5.76
C ARG C 294 -4.34 -10.51 4.63
N TYR C 302 2.66 11.26 -10.65
CA TYR C 302 1.42 11.99 -11.06
C TYR C 302 1.15 13.18 -10.16
N PHE C 303 0.38 14.14 -10.67
CA PHE C 303 0.13 15.39 -9.95
C PHE C 303 -1.34 15.78 -9.97
N MLL C 304 -2.11 15.17 -10.86
CA MLL C 304 -3.50 15.54 -11.07
CB MLL C 304 -4.36 15.43 -9.79
CG MLL C 304 -5.86 15.58 -10.03
CD2 MLL C 304 -6.58 15.70 -8.71
CD1 MLL C 304 -6.41 14.42 -10.82
C MLL C 304 -3.61 16.95 -11.61
O MLL C 304 -2.88 17.85 -11.21
OXT MLL C 304 -4.45 17.24 -12.47
C10 MLL C 304 -4.67 19.45 -14.44
C10 L2J D . 0.76 3.36 -15.62
C01 L2J D . -3.72 7.80 -12.36
C02 L2J D . -2.47 7.63 -12.93
C03 L2J D . -1.90 6.48 -13.08
C04 L2J D . -2.58 5.39 -12.64
C05 L2J D . -3.82 5.42 -12.07
C06 L2J D . -4.57 6.67 -11.86
C07 L2J D . -0.38 4.91 -14.15
C08 L2J D . -1.09 3.89 -13.70
C09 L2J D . 0.60 4.66 -15.15
C11 L2J D . 0.01 2.35 -15.13
C12 L2J D . -0.93 2.59 -14.18
C13 L2J D . 1.78 6.40 -12.77
C14 L2J D . 3.03 6.61 -13.63
C15 L2J D . 3.29 8.08 -13.95
C16 L2J D . 2.03 8.91 -14.16
C17 L2J D . 0.87 7.99 -14.52
C18 L2J D . 0.53 7.11 -13.31
C19 L2J D . 3.35 12.37 -16.26
C20 L2J D . 2.17 13.07 -16.54
C21 L2J D . 2.16 14.02 -17.55
C22 L2J D . 3.31 14.28 -18.28
C23 L2J D . 4.47 13.60 -17.98
C24 L2J D . 4.50 12.64 -16.98
C25 L2J D . 2.42 14.99 -20.34
F01 L2J D . 2.38 13.65 -20.58
F02 L2J D . 1.17 15.45 -20.01
F03 L2J D . 2.86 15.65 -21.46
N01 L2J D . -0.57 6.19 -13.66
N02 L2J D . 2.26 9.86 -15.23
O01 L2J D . -2.05 4.03 -12.74
O02 L2J D . -0.25 8.76 -14.85
O03 L2J D . 3.14 11.73 -13.64
O04 L2J D . 4.73 10.59 -14.76
O05 L2J D . 3.31 15.25 -19.29
S01 L2J D . 3.39 11.12 -14.95
MN MN E . 1.52 10.91 21.64
MN MN F . 1.42 8.45 19.55
#